data_4YHJ
#
_entry.id   4YHJ
#
_cell.length_a   104.838
_cell.length_b   104.838
_cell.length_c   221.838
_cell.angle_alpha   90.000
_cell.angle_beta   90.000
_cell.angle_gamma   120.000
#
_symmetry.space_group_name_H-M   'P 31 2 1'
#
loop_
_entity.id
_entity.type
_entity.pdbx_description
1 polymer 'G protein-coupled receptor kinase 4'
2 non-polymer 'AMP PHOSPHORAMIDATE'
3 water water
#
_entity_poly.entity_id   1
_entity_poly.type   'polypeptide(L)'
_entity_poly.pdbx_seq_one_letter_code
;MELENIVANSLLLKARQGGYGKKSGRSKKWKEILTLPPVSQCSELRHSIEKDYSSLCDKQPIGRRLFRQFCDTKPTLKRH
IEFLDAVAEYEVADDEDRSDCGLSILDRFFNDKLAAPLPEIPPDVVTECRLGLKEENPSKKAFEECTRVAHNYLRGEPFE
EYQESSYFSQFLQWKWLERQPVTKNTFRHYRVLGKGGFGEVCACQVRATGKMYACKKLQKKRIKKRKGEAMALNEKRILE
KVQSRFVVSLAYAYETKDALCLVLTIMNGGDLKFHIYNLGNPGFDEQRAVFYAAELCCGLEDLQRERIVYRDLKPENILL
DDRGHIRISDLGLATEIPEGQRVRGRVGTVGYMAPEVVNNEKYTFSPDWWGLGCLIYEMIQGHSPFKKYKEKVKWEEVDQ
RIKNDTEEYSEKFSEDAKSICRMLLTKNPSKRLGCRGEGAAGVKQHPVFKDINFRRLEANMLEPPFCPDPHAVYCKDVLD
IEQFSVVKGIYLDTADEDFYARFATGCVSIPWQNEMIESGCFKDINKSESEEALPLDLDKNIHTPVSRPNRGFFYRLFRR
GGSLTMVPSEKEVEPKQSENLYFQ
;
_entity_poly.pdbx_strand_id   A,B
#
# COMPACT_ATOMS: atom_id res chain seq x y z
N GLY A 25 -9.36 -32.97 6.04
CA GLY A 25 -9.81 -33.47 4.74
C GLY A 25 -8.83 -33.24 3.61
N ARG A 26 -7.53 -33.46 3.88
CA ARG A 26 -6.42 -33.32 2.94
C ARG A 26 -6.58 -34.25 1.73
N SER A 27 -6.04 -33.84 0.56
CA SER A 27 -6.08 -34.64 -0.65
C SER A 27 -5.29 -35.91 -0.43
N LYS A 28 -5.56 -36.89 -1.29
CA LYS A 28 -4.92 -38.19 -1.31
C LYS A 28 -3.47 -37.90 -1.74
N LYS A 29 -3.33 -37.22 -2.90
CA LYS A 29 -2.08 -36.80 -3.52
C LYS A 29 -1.74 -35.33 -3.16
N TRP A 30 -1.87 -34.94 -1.87
CA TRP A 30 -1.60 -33.56 -1.43
C TRP A 30 -0.12 -33.20 -1.51
N LYS A 31 0.76 -34.17 -1.16
CA LYS A 31 2.21 -34.06 -1.19
C LYS A 31 2.71 -33.85 -2.63
N GLU A 32 1.91 -34.32 -3.62
CA GLU A 32 2.17 -34.19 -5.05
C GLU A 32 1.74 -32.78 -5.49
N ILE A 33 0.63 -32.25 -4.92
CA ILE A 33 0.12 -30.90 -5.23
C ILE A 33 1.07 -29.83 -4.67
N LEU A 34 1.48 -30.05 -3.42
CA LEU A 34 2.37 -29.16 -2.68
C LEU A 34 3.83 -29.64 -2.69
N THR A 35 4.34 -30.04 -3.88
CA THR A 35 5.72 -30.49 -4.03
C THR A 35 6.60 -29.27 -4.15
N LEU A 36 7.62 -29.17 -3.27
CA LEU A 36 8.54 -28.03 -3.33
C LEU A 36 9.52 -28.18 -4.51
N PRO A 37 9.86 -27.07 -5.22
CA PRO A 37 10.77 -27.19 -6.36
C PRO A 37 12.23 -27.32 -5.92
N PRO A 38 13.16 -27.72 -6.82
CA PRO A 38 14.56 -27.77 -6.41
C PRO A 38 15.06 -26.33 -6.17
N VAL A 39 16.08 -26.14 -5.31
CA VAL A 39 16.63 -24.81 -5.03
C VAL A 39 17.58 -24.40 -6.20
N SER A 40 16.98 -24.25 -7.39
CA SER A 40 17.58 -23.87 -8.65
C SER A 40 16.47 -23.10 -9.38
N GLN A 41 15.23 -23.59 -9.24
CA GLN A 41 14.02 -22.96 -9.79
C GLN A 41 13.65 -21.74 -8.91
N CYS A 42 14.33 -21.63 -7.72
CA CYS A 42 14.17 -20.56 -6.71
C CYS A 42 15.28 -19.50 -6.79
N SER A 43 16.31 -19.74 -7.63
CA SER A 43 17.44 -18.83 -7.89
C SER A 43 16.86 -17.48 -8.36
N GLU A 44 15.80 -17.54 -9.19
CA GLU A 44 15.07 -16.39 -9.71
C GLU A 44 14.56 -15.60 -8.50
N LEU A 45 13.71 -16.25 -7.68
CA LEU A 45 13.09 -15.72 -6.47
C LEU A 45 14.07 -15.07 -5.50
N ARG A 46 15.22 -15.74 -5.21
CA ARG A 46 16.29 -15.26 -4.32
C ARG A 46 16.80 -13.86 -4.66
N HIS A 47 16.95 -13.57 -5.96
CA HIS A 47 17.47 -12.29 -6.43
C HIS A 47 16.42 -11.17 -6.58
N SER A 48 15.16 -11.56 -6.80
CA SER A 48 14.03 -10.62 -6.97
C SER A 48 13.30 -10.25 -5.68
N ILE A 49 13.52 -11.01 -4.58
CA ILE A 49 12.88 -10.78 -3.28
C ILE A 49 13.55 -9.61 -2.54
N GLU A 50 12.75 -8.58 -2.16
CA GLU A 50 13.24 -7.41 -1.42
C GLU A 50 13.55 -7.90 -0.01
N LYS A 51 14.79 -7.65 0.45
CA LYS A 51 15.23 -8.07 1.76
C LYS A 51 14.76 -7.06 2.86
N ASP A 52 13.50 -7.24 3.28
CA ASP A 52 12.84 -6.48 4.33
C ASP A 52 12.62 -7.43 5.50
N TYR A 53 13.28 -7.17 6.64
CA TYR A 53 13.21 -7.97 7.87
C TYR A 53 11.79 -8.09 8.41
N SER A 54 11.09 -6.96 8.55
CA SER A 54 9.72 -6.93 9.04
C SER A 54 8.77 -7.85 8.23
N SER A 55 8.95 -7.89 6.89
CA SER A 55 8.16 -8.70 5.98
C SER A 55 8.62 -10.17 6.03
N LEU A 56 9.89 -10.44 5.69
CA LEU A 56 10.42 -11.80 5.63
C LEU A 56 10.54 -12.54 6.97
N CYS A 57 10.62 -11.83 8.12
CA CYS A 57 10.81 -12.53 9.40
C CYS A 57 9.72 -12.28 10.44
N ASP A 58 8.65 -11.54 10.09
CA ASP A 58 7.57 -11.24 11.03
C ASP A 58 6.17 -11.37 10.42
N LYS A 59 5.85 -10.50 9.45
CA LYS A 59 4.56 -10.44 8.77
C LYS A 59 4.20 -11.73 8.03
N GLN A 60 5.17 -12.30 7.27
CA GLN A 60 4.99 -13.52 6.50
C GLN A 60 5.11 -14.71 7.45
N PRO A 61 3.98 -15.41 7.75
CA PRO A 61 4.03 -16.49 8.74
C PRO A 61 5.07 -17.58 8.53
N ILE A 62 5.29 -18.02 7.28
CA ILE A 62 6.29 -19.05 7.01
C ILE A 62 7.71 -18.47 7.16
N GLY A 63 7.94 -17.24 6.71
CA GLY A 63 9.21 -16.56 6.88
C GLY A 63 9.58 -16.46 8.36
N ARG A 64 8.58 -16.11 9.19
CA ARG A 64 8.70 -15.96 10.63
C ARG A 64 9.09 -17.28 11.25
N ARG A 65 8.41 -18.40 10.86
CA ARG A 65 8.70 -19.74 11.41
C ARG A 65 10.10 -20.24 11.02
N LEU A 66 10.52 -19.99 9.77
CA LEU A 66 11.82 -20.40 9.26
C LEU A 66 13.01 -19.59 9.84
N PHE A 67 12.84 -18.27 10.05
CA PHE A 67 13.86 -17.42 10.66
C PHE A 67 13.96 -17.80 12.12
N ARG A 68 12.84 -18.20 12.74
CA ARG A 68 12.86 -18.65 14.13
C ARG A 68 13.61 -19.99 14.23
N GLN A 69 13.49 -20.82 13.18
CA GLN A 69 14.17 -22.12 13.12
C GLN A 69 15.67 -21.93 12.99
N PHE A 70 16.06 -20.93 12.20
CA PHE A 70 17.46 -20.55 11.99
C PHE A 70 18.03 -20.05 13.33
N CYS A 71 17.24 -19.27 14.05
CA CYS A 71 17.61 -18.71 15.34
C CYS A 71 17.91 -19.74 16.39
N ASP A 72 17.27 -20.91 16.31
CA ASP A 72 17.47 -22.03 17.22
C ASP A 72 18.84 -22.67 17.10
N THR A 73 19.55 -22.42 15.99
CA THR A 73 20.89 -22.97 15.69
C THR A 73 22.02 -22.14 16.34
N LYS A 74 21.67 -21.00 16.90
CA LYS A 74 22.61 -20.10 17.55
C LYS A 74 22.05 -19.72 18.92
N PRO A 75 22.76 -20.07 20.02
CA PRO A 75 22.28 -19.74 21.35
C PRO A 75 21.99 -18.25 21.61
N THR A 76 22.78 -17.32 21.07
CA THR A 76 22.49 -15.89 21.31
C THR A 76 21.18 -15.50 20.64
N LEU A 77 20.98 -15.96 19.39
CA LEU A 77 19.78 -15.72 18.58
C LEU A 77 18.56 -16.38 19.20
N LYS A 78 18.73 -17.60 19.76
CA LYS A 78 17.67 -18.36 20.44
C LYS A 78 17.17 -17.58 21.66
N ARG A 79 18.08 -16.89 22.38
CA ARG A 79 17.77 -16.08 23.57
C ARG A 79 16.95 -14.85 23.24
N HIS A 80 17.23 -14.23 22.08
CA HIS A 80 16.50 -13.04 21.62
C HIS A 80 15.07 -13.44 21.31
N ILE A 81 14.88 -14.62 20.69
CA ILE A 81 13.54 -15.12 20.40
C ILE A 81 12.79 -15.40 21.71
N GLU A 82 13.46 -16.03 22.69
CA GLU A 82 12.87 -16.32 24.01
C GLU A 82 12.42 -15.04 24.67
N PHE A 83 13.24 -13.98 24.56
CA PHE A 83 12.92 -12.66 25.12
C PHE A 83 11.70 -12.04 24.46
N LEU A 84 11.66 -11.99 23.11
CA LEU A 84 10.54 -11.43 22.35
C LEU A 84 9.23 -12.13 22.70
N ASP A 85 9.29 -13.46 22.82
CA ASP A 85 8.15 -14.29 23.19
C ASP A 85 7.70 -14.03 24.63
N ALA A 86 8.65 -13.81 25.57
CA ALA A 86 8.36 -13.52 26.99
C ALA A 86 7.66 -12.15 27.13
N VAL A 87 8.12 -11.15 26.34
CA VAL A 87 7.54 -9.80 26.30
C VAL A 87 6.13 -9.92 25.70
N ALA A 88 5.96 -10.75 24.67
CA ALA A 88 4.64 -10.97 24.08
C ALA A 88 3.67 -11.57 25.13
N GLU A 89 4.15 -12.47 26.03
CA GLU A 89 3.29 -13.04 27.09
C GLU A 89 3.01 -11.98 28.14
N TYR A 90 3.99 -11.08 28.41
CA TYR A 90 3.82 -10.00 29.36
C TYR A 90 2.66 -9.07 28.93
N GLU A 91 2.65 -8.69 27.65
CA GLU A 91 1.68 -7.77 27.05
C GLU A 91 0.25 -8.27 27.12
N VAL A 92 0.04 -9.60 27.01
CA VAL A 92 -1.31 -10.22 27.03
C VAL A 92 -1.69 -10.75 28.39
N ALA A 93 -0.88 -10.48 29.41
CA ALA A 93 -1.09 -10.95 30.78
C ALA A 93 -2.22 -10.26 31.50
N ASP A 94 -2.97 -11.03 32.31
CA ASP A 94 -4.07 -10.48 33.12
C ASP A 94 -3.47 -9.51 34.15
N ASP A 95 -4.15 -8.40 34.42
CA ASP A 95 -3.77 -7.30 35.32
C ASP A 95 -3.08 -7.67 36.64
N GLU A 96 -3.46 -8.82 37.25
CA GLU A 96 -2.85 -9.30 38.49
C GLU A 96 -1.53 -10.02 38.22
N ASP A 97 -1.52 -10.91 37.20
CA ASP A 97 -0.40 -11.74 36.75
C ASP A 97 0.81 -10.94 36.19
N ARG A 98 0.54 -9.77 35.56
CA ARG A 98 1.50 -8.90 34.88
C ARG A 98 2.78 -8.53 35.65
N SER A 99 2.65 -7.98 36.89
CA SER A 99 3.79 -7.57 37.72
C SER A 99 4.77 -8.72 37.96
N ASP A 100 4.25 -9.92 38.25
CA ASP A 100 5.10 -11.09 38.49
C ASP A 100 5.68 -11.60 37.19
N CYS A 101 4.93 -11.39 36.09
CA CYS A 101 5.33 -11.78 34.73
C CYS A 101 6.54 -10.94 34.32
N GLY A 102 6.47 -9.64 34.60
CA GLY A 102 7.54 -8.67 34.33
C GLY A 102 8.81 -9.00 35.09
N LEU A 103 8.67 -9.26 36.43
CA LEU A 103 9.75 -9.62 37.37
C LEU A 103 10.50 -10.86 36.90
N SER A 104 9.76 -11.88 36.43
CA SER A 104 10.32 -13.11 35.90
C SER A 104 11.24 -12.84 34.67
N ILE A 105 10.88 -11.84 33.81
CA ILE A 105 11.66 -11.45 32.62
C ILE A 105 13.00 -10.85 33.06
N LEU A 106 12.97 -9.93 34.03
CA LEU A 106 14.10 -9.25 34.66
C LEU A 106 15.02 -10.29 35.27
N ASP A 107 14.43 -11.29 35.94
CA ASP A 107 15.12 -12.38 36.57
C ASP A 107 15.82 -13.28 35.54
N ARG A 108 15.19 -13.53 34.38
CA ARG A 108 15.74 -14.38 33.32
C ARG A 108 16.74 -13.67 32.38
N PHE A 109 16.59 -12.36 32.15
CA PHE A 109 17.44 -11.69 31.16
C PHE A 109 18.29 -10.51 31.64
N PHE A 110 18.04 -9.95 32.84
CA PHE A 110 18.82 -8.78 33.22
C PHE A 110 19.48 -8.80 34.64
N ASN A 111 19.35 -9.90 35.39
CA ASN A 111 19.87 -9.98 36.75
C ASN A 111 21.34 -10.52 36.91
N ASP A 112 22.09 -10.77 35.83
CA ASP A 112 23.48 -11.25 35.97
C ASP A 112 24.47 -10.41 35.16
N LYS A 113 25.43 -9.75 35.86
CA LYS A 113 26.43 -8.87 35.24
C LYS A 113 27.46 -9.60 34.36
N LEU A 114 27.80 -10.86 34.68
CA LEU A 114 28.79 -11.59 33.87
C LEU A 114 28.17 -12.58 32.87
N ALA A 115 26.85 -12.80 32.99
CA ALA A 115 26.09 -13.70 32.13
C ALA A 115 24.86 -12.96 31.55
N ALA A 116 25.11 -11.94 30.71
CA ALA A 116 24.08 -11.11 30.06
C ALA A 116 23.62 -11.68 28.70
N PRO A 117 22.36 -12.20 28.61
CA PRO A 117 21.89 -12.78 27.33
C PRO A 117 21.66 -11.79 26.20
N LEU A 118 21.37 -10.52 26.53
CA LEU A 118 21.08 -9.47 25.55
C LEU A 118 22.03 -8.27 25.82
N PRO A 119 23.37 -8.45 25.57
CA PRO A 119 24.34 -7.38 25.88
C PRO A 119 24.17 -6.02 25.22
N GLU A 120 23.62 -6.01 24.01
CA GLU A 120 23.41 -4.83 23.21
C GLU A 120 22.32 -3.86 23.79
N ILE A 121 21.55 -4.32 24.80
CA ILE A 121 20.54 -3.46 25.41
C ILE A 121 21.26 -2.56 26.43
N PRO A 122 21.34 -1.22 26.20
CA PRO A 122 22.08 -0.37 27.15
C PRO A 122 21.52 -0.39 28.55
N PRO A 123 22.40 -0.38 29.58
CA PRO A 123 21.92 -0.43 30.98
C PRO A 123 20.91 0.64 31.36
N ASP A 124 20.93 1.80 30.66
CA ASP A 124 20.01 2.92 30.87
C ASP A 124 18.58 2.53 30.45
N VAL A 125 18.46 1.68 29.41
CA VAL A 125 17.17 1.19 28.92
C VAL A 125 16.64 0.22 29.96
N VAL A 126 17.55 -0.61 30.53
CA VAL A 126 17.22 -1.59 31.56
C VAL A 126 16.81 -0.87 32.87
N THR A 127 17.44 0.29 33.17
CA THR A 127 17.14 1.13 34.35
C THR A 127 15.70 1.67 34.26
N GLU A 128 15.32 2.27 33.11
CA GLU A 128 13.97 2.83 32.88
C GLU A 128 12.90 1.73 32.96
N CYS A 129 13.24 0.54 32.44
CA CYS A 129 12.39 -0.63 32.45
C CYS A 129 12.08 -1.07 33.90
N ARG A 130 13.12 -1.19 34.75
CA ARG A 130 13.00 -1.57 36.17
C ARG A 130 12.19 -0.55 36.98
N LEU A 131 12.28 0.73 36.59
CA LEU A 131 11.58 1.83 37.26
C LEU A 131 10.07 1.73 37.07
N GLY A 132 9.61 1.66 35.82
CA GLY A 132 8.20 1.54 35.47
C GLY A 132 7.54 0.22 35.87
N LEU A 133 8.37 -0.78 36.25
CA LEU A 133 7.96 -2.12 36.66
C LEU A 133 8.02 -2.28 38.19
N LYS A 134 8.61 -1.28 38.89
CA LYS A 134 8.74 -1.23 40.35
C LYS A 134 7.37 -0.89 40.96
N GLU A 135 6.63 0.01 40.30
CA GLU A 135 5.30 0.47 40.69
C GLU A 135 4.16 -0.54 40.43
N GLU A 136 2.99 -0.33 41.08
CA GLU A 136 1.81 -1.16 40.88
C GLU A 136 0.87 -0.50 39.88
N ASN A 137 0.61 -1.26 38.81
CA ASN A 137 -0.12 -1.03 37.55
C ASN A 137 0.97 -0.61 36.53
N PRO A 138 1.87 -1.55 36.12
CA PRO A 138 2.91 -1.17 35.16
C PRO A 138 2.39 -1.11 33.72
N SER A 139 2.91 -0.15 32.93
CA SER A 139 2.56 0.04 31.53
C SER A 139 2.77 -1.28 30.79
N LYS A 140 1.85 -1.64 29.88
CA LYS A 140 1.98 -2.87 29.11
C LYS A 140 3.10 -2.71 28.05
N LYS A 141 3.71 -1.50 28.01
CA LYS A 141 4.77 -1.08 27.09
C LYS A 141 6.15 -0.90 27.77
N ALA A 142 6.32 -1.46 28.99
CA ALA A 142 7.56 -1.39 29.79
C ALA A 142 8.80 -1.96 29.10
N PHE A 143 8.61 -2.97 28.22
CA PHE A 143 9.74 -3.59 27.51
C PHE A 143 9.79 -3.19 26.03
N GLU A 144 9.05 -2.11 25.63
CA GLU A 144 9.00 -1.69 24.24
C GLU A 144 10.32 -1.14 23.71
N GLU A 145 11.18 -0.54 24.55
CA GLU A 145 12.48 -0.06 24.08
C GLU A 145 13.48 -1.23 24.03
N CYS A 146 13.31 -2.21 24.93
CA CYS A 146 14.13 -3.43 24.97
C CYS A 146 13.88 -4.19 23.67
N THR A 147 12.61 -4.37 23.31
CA THR A 147 12.15 -5.05 22.09
C THR A 147 12.73 -4.38 20.84
N ARG A 148 12.70 -3.02 20.78
CA ARG A 148 13.21 -2.22 19.66
C ARG A 148 14.71 -2.51 19.43
N VAL A 149 15.48 -2.58 20.52
CA VAL A 149 16.92 -2.85 20.46
C VAL A 149 17.19 -4.30 20.04
N ALA A 150 16.36 -5.26 20.51
CA ALA A 150 16.52 -6.67 20.16
C ALA A 150 16.29 -6.83 18.65
N HIS A 151 15.25 -6.19 18.10
CA HIS A 151 14.94 -6.22 16.66
C HIS A 151 16.03 -5.52 15.82
N ASN A 152 16.63 -4.44 16.33
CA ASN A 152 17.71 -3.74 15.63
C ASN A 152 18.90 -4.68 15.50
N TYR A 153 19.11 -5.53 16.53
CA TYR A 153 20.19 -6.50 16.52
C TYR A 153 19.83 -7.59 15.50
N LEU A 154 18.59 -8.13 15.54
CA LEU A 154 18.20 -9.20 14.62
C LEU A 154 18.19 -8.77 13.13
N ARG A 155 17.79 -7.52 12.86
CA ARG A 155 17.69 -6.87 11.55
C ARG A 155 19.08 -6.70 10.90
N GLY A 156 20.15 -6.87 11.67
CA GLY A 156 21.53 -6.74 11.21
C GLY A 156 22.15 -8.03 10.71
N GLU A 157 23.33 -8.38 11.25
CA GLU A 157 24.07 -9.58 10.86
C GLU A 157 23.23 -10.88 11.01
N PRO A 158 22.41 -11.11 12.09
CA PRO A 158 21.60 -12.35 12.14
C PRO A 158 20.70 -12.54 10.92
N PHE A 159 20.10 -11.43 10.44
CA PHE A 159 19.26 -11.41 9.24
C PHE A 159 20.10 -11.69 7.98
N GLU A 160 21.33 -11.12 7.87
CA GLU A 160 22.21 -11.31 6.71
C GLU A 160 22.64 -12.75 6.64
N GLU A 161 22.93 -13.36 7.80
CA GLU A 161 23.34 -14.75 7.97
C GLU A 161 22.18 -15.64 7.58
N TYR A 162 20.94 -15.28 8.01
CA TYR A 162 19.74 -16.02 7.67
C TYR A 162 19.57 -16.17 6.17
N GLN A 163 19.87 -15.11 5.41
CA GLN A 163 19.77 -15.10 3.96
C GLN A 163 20.69 -16.15 3.24
N GLU A 164 21.70 -16.68 3.93
CA GLU A 164 22.59 -17.71 3.37
C GLU A 164 22.29 -19.09 3.94
N SER A 165 21.30 -19.19 4.83
CA SER A 165 20.93 -20.44 5.46
C SER A 165 20.05 -21.31 4.58
N SER A 166 20.00 -22.61 4.96
CA SER A 166 19.19 -23.63 4.31
C SER A 166 17.70 -23.28 4.57
N TYR A 167 17.42 -22.62 5.73
CA TYR A 167 16.12 -22.16 6.21
C TYR A 167 15.55 -21.13 5.28
N PHE A 168 16.38 -20.22 4.78
CA PHE A 168 15.95 -19.21 3.81
C PHE A 168 15.71 -19.86 2.46
N SER A 169 16.47 -20.89 2.09
CA SER A 169 16.26 -21.61 0.81
C SER A 169 14.85 -22.25 0.83
N GLN A 170 14.41 -22.76 1.99
CA GLN A 170 13.09 -23.35 2.14
C GLN A 170 12.01 -22.28 1.99
N PHE A 171 12.29 -21.06 2.46
CA PHE A 171 11.33 -19.97 2.33
C PHE A 171 11.09 -19.68 0.85
N LEU A 172 12.17 -19.69 0.03
CA LEU A 172 12.11 -19.46 -1.41
C LEU A 172 11.30 -20.55 -2.14
N GLN A 173 11.34 -21.78 -1.60
CA GLN A 173 10.58 -22.91 -2.13
C GLN A 173 9.09 -22.68 -1.86
N TRP A 174 8.73 -22.27 -0.63
CA TRP A 174 7.35 -21.97 -0.24
C TRP A 174 6.79 -20.82 -1.01
N LYS A 175 7.64 -19.82 -1.35
CA LYS A 175 7.27 -18.63 -2.14
C LYS A 175 7.02 -19.01 -3.56
N TRP A 176 7.66 -20.10 -4.03
CA TRP A 176 7.49 -20.60 -5.39
C TRP A 176 6.14 -21.32 -5.45
N LEU A 177 5.79 -22.10 -4.41
CA LEU A 177 4.50 -22.81 -4.33
C LEU A 177 3.32 -21.84 -4.33
N GLU A 178 3.47 -20.71 -3.64
CA GLU A 178 2.51 -19.62 -3.48
C GLU A 178 2.19 -18.95 -4.83
N ARG A 179 3.19 -18.85 -5.73
CA ARG A 179 3.01 -18.24 -7.05
C ARG A 179 2.39 -19.23 -8.03
N GLN A 180 2.18 -20.49 -7.61
CA GLN A 180 1.63 -21.52 -8.49
C GLN A 180 0.16 -21.29 -8.86
N PRO A 181 -0.26 -21.66 -10.11
CA PRO A 181 -1.66 -21.42 -10.56
C PRO A 181 -2.79 -21.83 -9.64
N VAL A 182 -3.85 -21.02 -9.65
CA VAL A 182 -5.07 -21.23 -8.86
C VAL A 182 -6.25 -21.12 -9.83
N THR A 183 -7.10 -22.17 -9.87
CA THR A 183 -8.31 -22.26 -10.72
C THR A 183 -9.46 -22.84 -9.90
N LYS A 184 -10.61 -23.13 -10.58
CA LYS A 184 -11.79 -23.75 -9.92
C LYS A 184 -11.46 -25.17 -9.44
N ASN A 185 -10.44 -25.83 -10.06
CA ASN A 185 -9.95 -27.18 -9.74
C ASN A 185 -9.08 -27.27 -8.47
N THR A 186 -8.73 -26.11 -7.87
CA THR A 186 -7.94 -26.03 -6.63
C THR A 186 -8.87 -26.34 -5.44
N PHE A 187 -10.18 -26.12 -5.65
CA PHE A 187 -11.25 -26.26 -4.69
C PHE A 187 -12.28 -27.35 -4.96
N ARG A 188 -12.89 -27.89 -3.89
CA ARG A 188 -14.01 -28.86 -3.89
C ARG A 188 -15.20 -27.95 -3.59
N HIS A 189 -16.18 -27.91 -4.47
CA HIS A 189 -17.32 -27.05 -4.26
C HIS A 189 -18.43 -27.76 -3.52
N TYR A 190 -18.84 -27.16 -2.39
CA TYR A 190 -19.90 -27.68 -1.52
C TYR A 190 -21.21 -26.88 -1.64
N ARG A 191 -22.00 -26.80 -0.55
CA ARG A 191 -23.31 -26.15 -0.53
C ARG A 191 -23.31 -24.62 -0.69
N VAL A 192 -24.40 -24.10 -1.30
CA VAL A 192 -24.62 -22.68 -1.47
C VAL A 192 -24.94 -22.18 -0.07
N LEU A 193 -24.33 -21.07 0.32
CA LEU A 193 -24.48 -20.45 1.64
C LEU A 193 -25.51 -19.31 1.63
N GLY A 194 -25.51 -18.52 0.55
CA GLY A 194 -26.40 -17.38 0.40
C GLY A 194 -26.42 -16.80 -1.00
N LYS A 195 -27.41 -15.95 -1.26
CA LYS A 195 -27.61 -15.28 -2.53
C LYS A 195 -27.06 -13.87 -2.49
N GLY A 196 -25.92 -13.67 -3.14
CA GLY A 196 -25.27 -12.37 -3.24
C GLY A 196 -25.87 -11.56 -4.36
N GLY A 197 -25.52 -10.29 -4.41
CA GLY A 197 -25.99 -9.36 -5.42
C GLY A 197 -25.36 -9.54 -6.79
N PHE A 198 -24.22 -10.24 -6.87
CA PHE A 198 -23.54 -10.50 -8.14
C PHE A 198 -23.43 -12.00 -8.45
N GLY A 199 -23.83 -12.82 -7.49
CA GLY A 199 -23.79 -14.26 -7.65
C GLY A 199 -23.89 -15.03 -6.35
N GLU A 200 -23.79 -16.35 -6.46
CA GLU A 200 -23.85 -17.29 -5.33
C GLU A 200 -22.60 -17.21 -4.40
N VAL A 201 -22.81 -17.45 -3.11
CA VAL A 201 -21.78 -17.54 -2.07
C VAL A 201 -21.92 -19.00 -1.65
N CYS A 202 -20.86 -19.79 -1.76
CA CYS A 202 -20.97 -21.19 -1.41
C CYS A 202 -19.82 -21.64 -0.55
N ALA A 203 -19.96 -22.77 0.15
CA ALA A 203 -18.90 -23.34 0.98
C ALA A 203 -17.94 -24.12 0.04
N CYS A 204 -16.65 -23.82 0.08
CA CYS A 204 -15.68 -24.52 -0.76
C CYS A 204 -14.45 -24.96 0.04
N GLN A 205 -13.77 -26.00 -0.40
CA GLN A 205 -12.61 -26.52 0.31
C GLN A 205 -11.37 -26.68 -0.55
N VAL A 206 -10.21 -26.21 -0.06
CA VAL A 206 -8.95 -26.38 -0.79
C VAL A 206 -8.65 -27.90 -0.83
N ARG A 207 -8.51 -28.47 -2.03
CA ARG A 207 -8.28 -29.92 -2.18
C ARG A 207 -7.07 -30.43 -1.40
N ALA A 208 -5.89 -29.79 -1.62
CA ALA A 208 -4.63 -30.18 -0.97
C ALA A 208 -4.60 -30.04 0.54
N THR A 209 -5.28 -29.03 1.13
CA THR A 209 -5.23 -28.86 2.59
C THR A 209 -6.49 -29.27 3.36
N GLY A 210 -7.63 -29.22 2.69
CA GLY A 210 -8.90 -29.54 3.32
C GLY A 210 -9.52 -28.36 4.06
N LYS A 211 -8.89 -27.16 3.98
CA LYS A 211 -9.40 -25.97 4.65
C LYS A 211 -10.63 -25.42 3.95
N MET A 212 -11.63 -25.09 4.76
CA MET A 212 -12.91 -24.57 4.35
C MET A 212 -12.88 -23.06 4.23
N TYR A 213 -13.52 -22.58 3.17
CA TYR A 213 -13.69 -21.19 2.83
C TYR A 213 -15.09 -20.95 2.29
N ALA A 214 -15.42 -19.70 2.03
CA ALA A 214 -16.68 -19.27 1.45
C ALA A 214 -16.26 -18.72 0.08
N CYS A 215 -16.77 -19.27 -1.02
CA CYS A 215 -16.42 -18.78 -2.36
C CYS A 215 -17.51 -17.87 -2.91
N LYS A 216 -17.23 -16.56 -2.94
CA LYS A 216 -18.12 -15.54 -3.47
C LYS A 216 -17.87 -15.51 -4.97
N LYS A 217 -18.86 -15.94 -5.74
CA LYS A 217 -18.87 -15.98 -7.21
C LYS A 217 -19.55 -14.70 -7.66
N LEU A 218 -18.84 -13.87 -8.43
CA LEU A 218 -19.31 -12.60 -8.97
C LEU A 218 -19.44 -12.83 -10.46
N GLN A 219 -20.69 -13.01 -10.93
CA GLN A 219 -20.99 -13.30 -12.34
C GLN A 219 -20.67 -12.15 -13.25
N LYS A 220 -19.93 -12.48 -14.31
CA LYS A 220 -19.46 -11.53 -15.32
C LYS A 220 -20.58 -10.71 -15.94
N LYS A 221 -21.73 -11.36 -16.19
CA LYS A 221 -22.91 -10.73 -16.77
C LYS A 221 -23.58 -9.78 -15.79
N ARG A 222 -23.61 -10.16 -14.47
CA ARG A 222 -24.20 -9.38 -13.37
C ARG A 222 -23.37 -8.13 -13.08
N ILE A 223 -22.02 -8.26 -13.08
CA ILE A 223 -21.08 -7.14 -12.88
C ILE A 223 -21.30 -6.13 -14.03
N LYS A 224 -21.47 -6.62 -15.28
CA LYS A 224 -21.67 -5.75 -16.43
C LYS A 224 -22.94 -4.92 -16.30
N LYS A 225 -24.10 -5.60 -16.15
CA LYS A 225 -25.45 -5.02 -16.01
C LYS A 225 -25.55 -4.04 -14.87
N ARG A 226 -24.84 -4.32 -13.77
CA ARG A 226 -24.84 -3.46 -12.58
C ARG A 226 -23.72 -2.42 -12.59
N LYS A 227 -22.79 -2.47 -13.57
CA LYS A 227 -21.63 -1.55 -13.72
C LYS A 227 -20.69 -1.60 -12.46
N GLY A 228 -20.53 -2.80 -11.90
CA GLY A 228 -19.72 -3.04 -10.69
C GLY A 228 -18.26 -3.34 -10.89
N GLU A 229 -17.66 -2.92 -12.01
CA GLU A 229 -16.25 -3.15 -12.32
C GLU A 229 -15.35 -2.47 -11.31
N ALA A 230 -15.57 -1.16 -11.06
CA ALA A 230 -14.78 -0.39 -10.11
C ALA A 230 -14.92 -0.96 -8.73
N MET A 231 -16.16 -1.29 -8.35
CA MET A 231 -16.51 -1.86 -7.05
C MET A 231 -15.80 -3.17 -6.77
N ALA A 232 -15.80 -4.09 -7.74
CA ALA A 232 -15.18 -5.40 -7.63
C ALA A 232 -13.67 -5.28 -7.51
N LEU A 233 -13.06 -4.41 -8.32
CA LEU A 233 -11.63 -4.17 -8.33
C LEU A 233 -11.18 -3.59 -6.94
N ASN A 234 -11.97 -2.63 -6.41
CA ASN A 234 -11.77 -2.00 -5.11
C ASN A 234 -11.96 -2.97 -3.95
N GLU A 235 -13.04 -3.78 -3.96
CA GLU A 235 -13.31 -4.73 -2.90
C GLU A 235 -12.12 -5.67 -2.77
N LYS A 236 -11.71 -6.31 -3.87
CA LYS A 236 -10.56 -7.23 -3.96
C LYS A 236 -9.32 -6.63 -3.30
N ARG A 237 -8.93 -5.44 -3.74
CA ARG A 237 -7.77 -4.70 -3.26
C ARG A 237 -7.77 -4.43 -1.72
N ILE A 238 -8.92 -3.98 -1.20
CA ILE A 238 -9.14 -3.67 0.21
C ILE A 238 -9.03 -4.94 1.03
N LEU A 239 -9.65 -6.05 0.57
CA LEU A 239 -9.60 -7.33 1.26
C LEU A 239 -8.19 -7.91 1.40
N GLU A 240 -7.30 -7.63 0.41
CA GLU A 240 -5.89 -8.06 0.43
C GLU A 240 -5.01 -7.13 1.28
N LYS A 241 -5.38 -5.83 1.33
CA LYS A 241 -4.63 -4.82 2.06
C LYS A 241 -4.79 -4.95 3.59
N VAL A 242 -6.03 -5.21 4.04
CA VAL A 242 -6.34 -5.35 5.45
C VAL A 242 -5.92 -6.72 5.93
N GLN A 243 -5.25 -6.76 7.08
CA GLN A 243 -4.78 -7.95 7.77
C GLN A 243 -5.38 -7.85 9.21
N SER A 244 -6.65 -8.24 9.33
CA SER A 244 -7.39 -8.15 10.58
C SER A 244 -8.20 -9.42 10.91
N ARG A 245 -8.20 -9.80 12.18
CA ARG A 245 -8.99 -10.95 12.66
C ARG A 245 -10.46 -10.58 12.63
N PHE A 246 -10.75 -9.26 12.48
CA PHE A 246 -12.09 -8.68 12.53
C PHE A 246 -12.61 -8.15 11.22
N VAL A 247 -11.99 -8.55 10.11
CA VAL A 247 -12.43 -8.18 8.76
C VAL A 247 -12.35 -9.47 7.94
N VAL A 248 -13.34 -9.74 7.09
CA VAL A 248 -13.32 -10.95 6.25
C VAL A 248 -12.05 -10.86 5.43
N SER A 249 -11.30 -11.95 5.40
CA SER A 249 -10.04 -12.03 4.71
C SER A 249 -10.22 -12.75 3.39
N LEU A 250 -9.56 -12.20 2.33
CA LEU A 250 -9.49 -12.81 1.01
C LEU A 250 -8.25 -13.72 1.06
N ALA A 251 -8.42 -15.00 0.69
CA ALA A 251 -7.32 -15.98 0.67
C ALA A 251 -6.91 -16.33 -0.77
N TYR A 252 -7.87 -16.32 -1.69
CA TYR A 252 -7.60 -16.66 -3.08
C TYR A 252 -8.47 -15.86 -4.00
N ALA A 253 -8.06 -15.82 -5.29
CA ALA A 253 -8.80 -15.21 -6.37
C ALA A 253 -8.59 -16.04 -7.64
N TYR A 254 -9.68 -16.38 -8.32
CA TYR A 254 -9.61 -17.15 -9.55
C TYR A 254 -10.69 -16.69 -10.53
N GLU A 255 -10.54 -17.16 -11.75
CA GLU A 255 -11.44 -16.79 -12.83
C GLU A 255 -11.96 -18.01 -13.55
N THR A 256 -13.21 -17.86 -13.94
CA THR A 256 -14.07 -18.78 -14.66
C THR A 256 -14.49 -18.04 -15.95
N LYS A 257 -15.04 -18.78 -16.91
CA LYS A 257 -15.54 -18.23 -18.18
C LYS A 257 -16.76 -17.28 -17.94
N ASP A 258 -17.50 -17.51 -16.84
CA ASP A 258 -18.68 -16.72 -16.49
C ASP A 258 -18.59 -15.95 -15.17
N ALA A 259 -17.52 -16.17 -14.36
CA ALA A 259 -17.39 -15.50 -13.06
C ALA A 259 -15.97 -15.16 -12.62
N LEU A 260 -15.88 -14.20 -11.67
CA LEU A 260 -14.67 -13.75 -10.97
C LEU A 260 -14.93 -14.24 -9.55
N CYS A 261 -14.01 -15.00 -8.96
CA CYS A 261 -14.28 -15.57 -7.65
C CYS A 261 -13.29 -15.21 -6.57
N LEU A 262 -13.85 -14.87 -5.40
CA LEU A 262 -13.18 -14.44 -4.20
C LEU A 262 -13.38 -15.52 -3.16
N VAL A 263 -12.29 -16.18 -2.75
CA VAL A 263 -12.31 -17.24 -1.73
C VAL A 263 -12.03 -16.53 -0.38
N LEU A 264 -13.05 -16.52 0.52
CA LEU A 264 -13.07 -15.81 1.78
C LEU A 264 -13.24 -16.63 3.03
N THR A 265 -12.98 -15.98 4.18
CA THR A 265 -13.12 -16.56 5.52
C THR A 265 -14.56 -17.05 5.63
N ILE A 266 -14.75 -18.34 5.99
CA ILE A 266 -16.09 -18.89 6.15
C ILE A 266 -16.65 -18.42 7.50
N MET A 267 -17.84 -17.82 7.50
CA MET A 267 -18.52 -17.26 8.69
C MET A 267 -19.88 -17.97 8.91
N ASN A 268 -19.85 -19.14 9.57
CA ASN A 268 -21.02 -20.00 9.81
C ASN A 268 -22.07 -19.46 10.80
N GLY A 269 -21.66 -18.64 11.76
CA GLY A 269 -22.52 -18.09 12.81
C GLY A 269 -23.63 -17.12 12.42
N GLY A 270 -23.77 -16.81 11.13
CA GLY A 270 -24.80 -15.90 10.63
C GLY A 270 -24.42 -14.44 10.74
N ASP A 271 -25.32 -13.54 10.35
CA ASP A 271 -25.01 -12.11 10.44
C ASP A 271 -25.69 -11.49 11.66
N LEU A 272 -25.38 -10.23 11.99
CA LEU A 272 -25.95 -9.60 13.17
C LEU A 272 -27.42 -9.23 13.04
N LYS A 273 -27.90 -8.99 11.80
CA LYS A 273 -29.30 -8.65 11.57
C LYS A 273 -30.19 -9.83 12.03
N PHE A 274 -29.79 -11.04 11.68
CA PHE A 274 -30.47 -12.29 12.03
C PHE A 274 -30.54 -12.53 13.53
N HIS A 275 -29.47 -12.18 14.25
CA HIS A 275 -29.38 -12.36 15.71
C HIS A 275 -30.17 -11.31 16.46
N ILE A 276 -30.28 -10.08 15.89
CA ILE A 276 -31.02 -8.97 16.47
C ILE A 276 -32.52 -9.26 16.28
N TYR A 277 -32.92 -9.57 15.04
CA TYR A 277 -34.31 -9.76 14.71
C TYR A 277 -34.80 -11.20 14.81
N ASN A 278 -34.50 -12.06 13.81
CA ASN A 278 -34.91 -13.46 13.72
C ASN A 278 -34.84 -14.26 15.01
N LEU A 279 -33.73 -14.22 15.75
CA LEU A 279 -33.69 -14.99 16.99
C LEU A 279 -33.46 -14.07 18.24
N GLY A 280 -33.71 -12.77 18.06
CA GLY A 280 -33.60 -11.75 19.10
C GLY A 280 -34.95 -11.28 19.59
N ASN A 281 -34.96 -10.47 20.66
CA ASN A 281 -36.13 -9.95 21.38
C ASN A 281 -37.11 -8.96 20.67
N PRO A 282 -36.84 -8.08 19.66
CA PRO A 282 -35.58 -7.82 18.93
C PRO A 282 -34.51 -7.26 19.85
N GLY A 283 -33.27 -7.67 19.61
CA GLY A 283 -32.12 -7.28 20.42
C GLY A 283 -31.65 -8.42 21.29
N PHE A 284 -30.51 -8.26 21.92
CA PHE A 284 -29.90 -9.27 22.79
C PHE A 284 -29.19 -8.55 23.90
N ASP A 285 -28.63 -9.27 24.88
CA ASP A 285 -28.00 -8.64 26.04
C ASP A 285 -26.84 -7.70 25.71
N GLU A 286 -26.75 -6.65 26.54
CA GLU A 286 -25.72 -5.61 26.55
C GLU A 286 -24.34 -6.28 26.52
N GLN A 287 -24.15 -7.36 27.33
CA GLN A 287 -22.91 -8.14 27.43
C GLN A 287 -22.44 -8.63 26.04
N ARG A 288 -23.38 -9.12 25.19
CA ARG A 288 -23.06 -9.58 23.82
C ARG A 288 -22.67 -8.39 22.95
N ALA A 289 -23.54 -7.37 22.94
CA ALA A 289 -23.40 -6.14 22.20
C ALA A 289 -22.08 -5.44 22.45
N VAL A 290 -21.65 -5.36 23.71
CA VAL A 290 -20.42 -4.72 24.12
C VAL A 290 -19.20 -5.50 23.60
N PHE A 291 -19.25 -6.86 23.64
CA PHE A 291 -18.18 -7.71 23.11
C PHE A 291 -18.05 -7.48 21.58
N TYR A 292 -19.19 -7.40 20.88
CA TYR A 292 -19.22 -7.15 19.44
C TYR A 292 -18.68 -5.77 19.11
N ALA A 293 -19.11 -4.75 19.84
CA ALA A 293 -18.65 -3.36 19.69
C ALA A 293 -17.12 -3.23 19.94
N ALA A 294 -16.58 -4.04 20.87
CA ALA A 294 -15.17 -4.08 21.20
C ALA A 294 -14.43 -4.72 20.02
N GLU A 295 -14.96 -5.82 19.48
CA GLU A 295 -14.35 -6.46 18.31
C GLU A 295 -14.42 -5.55 17.07
N LEU A 296 -15.52 -4.76 16.94
CA LEU A 296 -15.74 -3.81 15.85
C LEU A 296 -14.71 -2.67 15.91
N CYS A 297 -14.37 -2.22 17.15
CA CYS A 297 -13.38 -1.16 17.42
C CYS A 297 -12.05 -1.53 16.82
N CYS A 298 -11.66 -2.79 17.04
CA CYS A 298 -10.42 -3.40 16.55
C CYS A 298 -10.40 -3.47 15.03
N GLY A 299 -11.54 -3.87 14.45
CA GLY A 299 -11.70 -3.92 13.01
C GLY A 299 -11.56 -2.53 12.42
N LEU A 300 -12.26 -1.52 13.01
CA LEU A 300 -12.18 -0.14 12.55
C LEU A 300 -10.81 0.47 12.74
N GLU A 301 -10.09 0.07 13.81
CA GLU A 301 -8.71 0.52 14.04
C GLU A 301 -7.83 -0.07 12.92
N ASP A 302 -8.04 -1.36 12.57
CA ASP A 302 -7.29 -2.06 11.53
C ASP A 302 -7.50 -1.47 10.15
N LEU A 303 -8.74 -1.08 9.83
CA LEU A 303 -9.12 -0.45 8.58
C LEU A 303 -8.49 0.95 8.48
N GLN A 304 -8.55 1.73 9.60
CA GLN A 304 -7.98 3.08 9.65
C GLN A 304 -6.48 3.17 9.58
N ARG A 305 -5.75 2.14 10.02
CA ARG A 305 -4.30 2.22 9.93
C ARG A 305 -3.86 1.94 8.48
N GLU A 306 -4.81 1.43 7.68
CA GLU A 306 -4.68 1.17 6.26
C GLU A 306 -5.39 2.32 5.50
N ARG A 307 -5.79 3.37 6.24
CA ARG A 307 -6.43 4.62 5.79
C ARG A 307 -7.74 4.39 5.02
N ILE A 308 -8.52 3.40 5.47
CA ILE A 308 -9.80 2.99 4.87
C ILE A 308 -11.00 3.41 5.72
N VAL A 309 -12.04 3.92 5.05
CA VAL A 309 -13.33 4.28 5.62
C VAL A 309 -14.29 3.25 5.00
N TYR A 310 -14.89 2.41 5.84
CA TYR A 310 -15.78 1.31 5.47
C TYR A 310 -17.05 1.78 4.78
N ARG A 311 -17.69 2.82 5.35
CA ARG A 311 -18.86 3.53 4.85
C ARG A 311 -20.24 2.83 4.95
N ASP A 312 -20.30 1.49 5.08
CA ASP A 312 -21.60 0.81 5.09
C ASP A 312 -21.87 0.02 6.38
N LEU A 313 -21.54 0.61 7.53
CA LEU A 313 -21.76 -0.07 8.82
C LEU A 313 -23.26 -0.27 9.09
N LYS A 314 -23.68 -1.55 9.15
CA LYS A 314 -25.07 -1.98 9.36
C LYS A 314 -25.10 -3.47 9.83
N PRO A 315 -26.10 -3.89 10.65
CA PRO A 315 -26.13 -5.27 11.18
C PRO A 315 -25.92 -6.41 10.21
N GLU A 316 -26.59 -6.37 9.05
CA GLU A 316 -26.46 -7.41 8.04
C GLU A 316 -25.02 -7.54 7.52
N ASN A 317 -24.19 -6.47 7.64
CA ASN A 317 -22.80 -6.48 7.17
C ASN A 317 -21.77 -7.01 8.18
N ILE A 318 -22.20 -7.41 9.39
CA ILE A 318 -21.31 -7.94 10.43
C ILE A 318 -21.68 -9.40 10.55
N LEU A 319 -20.73 -10.31 10.28
CA LEU A 319 -20.94 -11.75 10.36
C LEU A 319 -20.27 -12.35 11.58
N LEU A 320 -20.78 -13.52 12.03
CA LEU A 320 -20.29 -14.30 13.14
C LEU A 320 -19.65 -15.57 12.63
N ASP A 321 -18.62 -16.07 13.32
CA ASP A 321 -17.97 -17.34 12.97
C ASP A 321 -18.49 -18.43 13.96
N ASP A 322 -18.07 -19.70 13.74
CA ASP A 322 -18.43 -20.87 14.55
C ASP A 322 -18.09 -20.72 16.05
N ARG A 323 -17.12 -19.84 16.40
CA ARG A 323 -16.72 -19.62 17.78
C ARG A 323 -17.43 -18.42 18.43
N GLY A 324 -18.10 -17.59 17.64
CA GLY A 324 -18.79 -16.42 18.17
C GLY A 324 -18.04 -15.11 18.05
N HIS A 325 -17.06 -15.04 17.15
CA HIS A 325 -16.27 -13.82 16.92
C HIS A 325 -16.81 -13.18 15.67
N ILE A 326 -16.85 -11.86 15.66
CA ILE A 326 -17.39 -11.12 14.53
C ILE A 326 -16.31 -10.61 13.56
N ARG A 327 -16.72 -10.29 12.33
CA ARG A 327 -15.86 -9.73 11.30
C ARG A 327 -16.69 -8.81 10.43
N ILE A 328 -16.13 -7.63 10.10
CA ILE A 328 -16.73 -6.68 9.17
C ILE A 328 -16.61 -7.36 7.76
N SER A 329 -17.75 -7.49 7.06
CA SER A 329 -17.86 -8.09 5.72
C SER A 329 -18.37 -7.03 4.75
N ASP A 330 -18.60 -7.39 3.48
CA ASP A 330 -19.12 -6.52 2.40
C ASP A 330 -18.34 -5.20 2.31
N LEU A 331 -17.09 -5.30 1.85
CA LEU A 331 -16.22 -4.15 1.75
C LEU A 331 -16.33 -3.47 0.39
N GLY A 332 -17.53 -3.54 -0.17
CA GLY A 332 -17.83 -2.99 -1.47
C GLY A 332 -17.76 -1.48 -1.49
N LEU A 333 -18.33 -0.81 -0.47
CA LEU A 333 -18.32 0.65 -0.43
C LEU A 333 -17.03 1.25 0.21
N ALA A 334 -16.18 0.41 0.88
CA ALA A 334 -14.94 0.80 1.56
C ALA A 334 -14.01 1.58 0.64
N THR A 335 -13.46 2.71 1.11
CA THR A 335 -12.60 3.59 0.34
C THR A 335 -11.30 3.92 1.07
N GLU A 336 -10.16 3.77 0.37
CA GLU A 336 -8.83 4.11 0.89
C GLU A 336 -8.67 5.60 0.63
N ILE A 337 -8.30 6.36 1.66
CA ILE A 337 -8.16 7.81 1.52
C ILE A 337 -6.69 8.19 1.55
N PRO A 338 -6.11 8.76 0.47
CA PRO A 338 -4.69 9.14 0.54
C PRO A 338 -4.47 10.20 1.59
N GLU A 339 -3.28 10.20 2.23
CA GLU A 339 -2.97 11.21 3.25
C GLU A 339 -3.16 12.63 2.72
N GLY A 340 -3.77 13.47 3.55
CA GLY A 340 -4.07 14.87 3.26
C GLY A 340 -5.27 15.07 2.34
N GLN A 341 -6.05 14.01 2.11
CA GLN A 341 -7.22 14.09 1.22
C GLN A 341 -8.49 13.74 1.93
N ARG A 342 -9.64 14.05 1.31
CA ARG A 342 -10.99 13.82 1.81
C ARG A 342 -11.90 13.26 0.72
N VAL A 343 -12.94 12.54 1.12
CA VAL A 343 -13.98 12.02 0.24
C VAL A 343 -15.29 12.80 0.53
N ARG A 344 -16.32 12.61 -0.28
CA ARG A 344 -17.62 13.21 -0.15
C ARG A 344 -18.65 12.18 -0.61
N GLY A 345 -19.91 12.60 -0.69
CA GLY A 345 -20.99 11.76 -1.15
C GLY A 345 -21.90 11.24 -0.07
N ARG A 346 -23.18 11.08 -0.45
CA ARG A 346 -24.27 10.53 0.33
C ARG A 346 -24.32 9.10 -0.20
N VAL A 347 -23.55 8.20 0.45
CA VAL A 347 -23.45 6.78 0.11
C VAL A 347 -23.69 5.93 1.36
N GLY A 348 -24.08 4.68 1.15
CA GLY A 348 -24.41 3.74 2.23
C GLY A 348 -25.88 3.35 2.24
N THR A 349 -26.37 2.96 3.40
CA THR A 349 -27.76 2.53 3.55
C THR A 349 -28.56 3.57 4.30
N VAL A 350 -29.80 3.81 3.85
CA VAL A 350 -30.70 4.77 4.47
C VAL A 350 -31.00 4.36 5.91
N GLY A 351 -30.74 5.29 6.81
CA GLY A 351 -30.93 5.11 8.24
C GLY A 351 -29.61 4.90 8.93
N TYR A 352 -28.58 4.53 8.16
CA TYR A 352 -27.25 4.30 8.68
C TYR A 352 -26.26 5.40 8.34
N MET A 353 -26.63 6.35 7.42
CA MET A 353 -25.77 7.46 7.01
C MET A 353 -25.65 8.51 8.09
N ALA A 354 -24.42 9.02 8.29
CA ALA A 354 -24.08 10.06 9.26
C ALA A 354 -24.47 11.44 8.74
N PRO A 355 -24.59 12.48 9.61
CA PRO A 355 -24.96 13.83 9.12
C PRO A 355 -24.06 14.40 8.00
N GLU A 356 -22.71 14.25 8.10
CA GLU A 356 -21.75 14.72 7.07
C GLU A 356 -22.04 14.05 5.75
N VAL A 357 -22.49 12.76 5.82
CA VAL A 357 -22.82 11.92 4.69
C VAL A 357 -24.12 12.35 4.03
N VAL A 358 -25.20 12.51 4.83
CA VAL A 358 -26.51 12.92 4.30
C VAL A 358 -26.44 14.30 3.68
N ASN A 359 -25.61 15.20 4.26
CA ASN A 359 -25.44 16.57 3.78
C ASN A 359 -24.44 16.72 2.66
N ASN A 360 -23.79 15.59 2.28
CA ASN A 360 -22.75 15.50 1.26
C ASN A 360 -21.67 16.56 1.53
N GLU A 361 -20.99 16.40 2.67
CA GLU A 361 -19.89 17.25 3.06
C GLU A 361 -18.62 16.45 2.70
N LYS A 362 -17.45 17.04 2.92
CA LYS A 362 -16.18 16.37 2.66
C LYS A 362 -15.76 15.82 4.02
N TYR A 363 -15.26 14.56 4.07
CA TYR A 363 -14.92 13.91 5.33
C TYR A 363 -13.90 12.81 5.16
N THR A 364 -13.48 12.20 6.26
CA THR A 364 -12.55 11.09 6.24
C THR A 364 -13.18 9.87 6.88
N PHE A 365 -12.84 9.57 8.15
CA PHE A 365 -13.26 8.36 8.87
C PHE A 365 -14.43 8.55 9.82
N SER A 366 -14.87 9.79 10.06
CA SER A 366 -15.98 10.10 10.97
C SER A 366 -17.24 9.23 10.76
N PRO A 367 -17.70 8.92 9.50
CA PRO A 367 -18.91 8.08 9.34
C PRO A 367 -18.85 6.67 9.95
N ASP A 368 -17.64 6.15 10.15
CA ASP A 368 -17.51 4.81 10.72
C ASP A 368 -17.74 4.75 12.24
N TRP A 369 -17.47 5.87 12.95
CA TRP A 369 -17.66 6.00 14.39
C TRP A 369 -19.10 6.23 14.68
N TRP A 370 -19.78 6.98 13.80
CA TRP A 370 -21.21 7.18 13.86
C TRP A 370 -21.85 5.79 13.66
N GLY A 371 -21.35 5.02 12.69
CA GLY A 371 -21.79 3.67 12.34
C GLY A 371 -21.72 2.71 13.51
N LEU A 372 -20.65 2.79 14.33
CA LEU A 372 -20.49 1.98 15.55
C LEU A 372 -21.59 2.35 16.56
N GLY A 373 -21.96 3.64 16.60
CA GLY A 373 -23.03 4.17 17.44
C GLY A 373 -24.35 3.53 17.05
N CYS A 374 -24.69 3.55 15.74
CA CYS A 374 -25.90 2.94 15.16
C CYS A 374 -25.95 1.43 15.48
N LEU A 375 -24.81 0.74 15.44
CA LEU A 375 -24.73 -0.69 15.69
C LEU A 375 -24.98 -1.06 17.13
N ILE A 376 -24.32 -0.35 18.07
CA ILE A 376 -24.47 -0.58 19.51
C ILE A 376 -25.96 -0.36 19.89
N TYR A 377 -26.54 0.76 19.44
CA TYR A 377 -27.92 1.12 19.70
C TYR A 377 -28.86 0.02 19.27
N GLU A 378 -28.81 -0.37 17.99
CA GLU A 378 -29.67 -1.41 17.42
C GLU A 378 -29.59 -2.75 18.16
N MET A 379 -28.35 -3.22 18.43
CA MET A 379 -28.08 -4.49 19.11
C MET A 379 -28.74 -4.55 20.47
N ILE A 380 -28.74 -3.41 21.23
CA ILE A 380 -29.34 -3.30 22.55
C ILE A 380 -30.88 -3.03 22.52
N GLN A 381 -31.32 -2.03 21.70
CA GLN A 381 -32.71 -1.56 21.55
C GLN A 381 -33.66 -2.43 20.69
N GLY A 382 -33.19 -2.93 19.55
CA GLY A 382 -34.01 -3.76 18.66
C GLY A 382 -34.53 -3.07 17.42
N HIS A 383 -34.01 -1.90 17.12
CA HIS A 383 -34.30 -1.07 15.94
C HIS A 383 -33.23 0.02 15.84
N SER A 384 -32.94 0.51 14.61
CA SER A 384 -31.93 1.56 14.36
C SER A 384 -32.26 2.87 15.10
N PRO A 385 -31.32 3.82 15.32
CA PRO A 385 -31.67 5.03 16.11
C PRO A 385 -32.74 5.97 15.52
N PHE A 386 -32.88 6.06 14.19
CA PHE A 386 -33.82 7.00 13.55
C PHE A 386 -34.85 6.35 12.63
N LYS A 387 -35.13 5.05 12.83
CA LYS A 387 -36.07 4.27 12.04
C LYS A 387 -36.44 3.05 12.85
N LYS A 388 -37.75 2.88 13.15
CA LYS A 388 -38.30 1.75 13.91
C LYS A 388 -38.30 0.54 12.96
N TYR A 389 -38.30 -0.71 13.49
CA TYR A 389 -38.25 -1.90 12.63
C TYR A 389 -39.45 -2.00 11.67
N LYS A 390 -39.11 -2.27 10.38
CA LYS A 390 -39.95 -2.44 9.20
C LYS A 390 -40.90 -1.23 8.92
N GLU A 391 -40.59 -0.04 9.50
CA GLU A 391 -41.38 1.17 9.32
C GLU A 391 -41.23 1.77 7.94
N LYS A 392 -42.37 2.04 7.28
CA LYS A 392 -42.46 2.61 5.94
C LYS A 392 -42.34 4.13 5.99
N VAL A 393 -41.09 4.63 6.05
CA VAL A 393 -40.75 6.05 6.11
C VAL A 393 -39.97 6.46 4.84
N LYS A 394 -40.25 7.68 4.31
CA LYS A 394 -39.59 8.23 3.11
C LYS A 394 -38.12 8.55 3.48
N TRP A 395 -37.14 8.18 2.62
CA TRP A 395 -35.72 8.40 2.88
C TRP A 395 -35.38 9.82 3.27
N GLU A 396 -36.12 10.78 2.70
CA GLU A 396 -35.96 12.20 2.95
C GLU A 396 -36.25 12.55 4.40
N GLU A 397 -37.27 11.89 5.00
CA GLU A 397 -37.69 12.09 6.37
C GLU A 397 -36.72 11.44 7.31
N VAL A 398 -36.20 10.26 6.90
CA VAL A 398 -35.20 9.50 7.65
C VAL A 398 -33.98 10.45 7.78
N ASP A 399 -33.56 11.08 6.66
CA ASP A 399 -32.43 12.01 6.64
C ASP A 399 -32.63 13.16 7.64
N GLN A 400 -33.83 13.78 7.65
CA GLN A 400 -34.18 14.88 8.58
C GLN A 400 -34.00 14.48 10.03
N ARG A 401 -34.43 13.26 10.40
CA ARG A 401 -34.30 12.73 11.76
C ARG A 401 -32.83 12.60 12.16
N ILE A 402 -31.98 12.15 11.20
CA ILE A 402 -30.52 11.98 11.36
C ILE A 402 -29.88 13.35 11.63
N LYS A 403 -30.29 14.37 10.89
CA LYS A 403 -29.74 15.72 11.03
C LYS A 403 -30.18 16.49 12.27
N ASN A 404 -31.47 16.41 12.64
CA ASN A 404 -32.03 17.20 13.74
C ASN A 404 -32.47 16.46 15.01
N ASP A 405 -33.27 15.39 14.86
CA ASP A 405 -33.82 14.62 15.98
C ASP A 405 -32.77 13.93 16.80
N THR A 406 -32.95 13.90 18.12
CA THR A 406 -32.00 13.23 19.01
C THR A 406 -32.60 11.87 19.44
N GLU A 407 -31.81 10.79 19.30
CA GLU A 407 -32.15 9.41 19.63
C GLU A 407 -32.56 9.24 21.09
N GLU A 408 -33.62 8.46 21.30
CA GLU A 408 -34.22 8.18 22.61
C GLU A 408 -33.73 6.85 23.15
N TYR A 409 -33.46 6.79 24.44
CA TYR A 409 -32.99 5.54 25.05
C TYR A 409 -34.10 4.84 25.88
N SER A 410 -33.78 3.68 26.44
CA SER A 410 -34.68 2.89 27.26
C SER A 410 -33.88 2.28 28.40
N GLU A 411 -34.55 1.48 29.25
CA GLU A 411 -33.88 0.85 30.39
C GLU A 411 -33.11 -0.42 30.00
N LYS A 412 -33.15 -0.82 28.69
CA LYS A 412 -32.41 -1.95 28.11
C LYS A 412 -30.91 -1.63 28.16
N PHE A 413 -30.59 -0.31 28.23
CA PHE A 413 -29.28 0.31 28.24
C PHE A 413 -28.76 0.67 29.62
N SER A 414 -27.50 0.29 29.91
CA SER A 414 -26.87 0.65 31.18
C SER A 414 -26.46 2.12 31.04
N GLU A 415 -25.95 2.73 32.11
CA GLU A 415 -25.56 4.13 32.00
C GLU A 415 -24.38 4.31 31.05
N ASP A 416 -23.44 3.33 31.03
CA ASP A 416 -22.27 3.40 30.16
C ASP A 416 -22.58 3.15 28.68
N ALA A 417 -23.62 2.34 28.36
CA ALA A 417 -24.03 2.09 26.97
C ALA A 417 -24.63 3.37 26.35
N LYS A 418 -25.48 4.10 27.12
CA LYS A 418 -26.10 5.35 26.67
C LYS A 418 -24.98 6.36 26.45
N SER A 419 -23.92 6.31 27.28
CA SER A 419 -22.78 7.22 27.16
C SER A 419 -22.02 7.01 25.84
N ILE A 420 -21.73 5.74 25.48
CA ILE A 420 -21.01 5.44 24.24
C ILE A 420 -21.89 5.79 23.04
N CYS A 421 -23.20 5.50 23.09
CA CYS A 421 -24.07 5.85 21.97
C CYS A 421 -24.19 7.37 21.79
N ARG A 422 -24.45 8.13 22.86
CA ARG A 422 -24.59 9.58 22.76
C ARG A 422 -23.35 10.28 22.15
N MET A 423 -22.15 9.81 22.55
CA MET A 423 -20.85 10.30 22.10
C MET A 423 -20.55 9.90 20.63
N LEU A 424 -20.94 8.67 20.26
CA LEU A 424 -20.74 8.19 18.89
C LEU A 424 -21.80 8.75 17.96
N LEU A 425 -22.97 9.17 18.50
CA LEU A 425 -24.06 9.71 17.69
C LEU A 425 -24.15 11.25 17.72
N THR A 426 -23.01 11.90 18.00
CA THR A 426 -22.84 13.35 17.99
C THR A 426 -22.96 13.79 16.52
N LYS A 427 -23.88 14.73 16.24
CA LYS A 427 -24.15 15.20 14.89
C LYS A 427 -22.95 15.85 14.23
N ASN A 428 -22.11 16.54 15.02
CA ASN A 428 -20.94 17.21 14.49
C ASN A 428 -19.75 16.27 14.59
N PRO A 429 -19.26 15.80 13.43
CA PRO A 429 -18.11 14.87 13.40
C PRO A 429 -16.90 15.31 14.21
N SER A 430 -16.65 16.62 14.25
CA SER A 430 -15.53 17.24 14.98
C SER A 430 -15.70 17.14 16.53
N LYS A 431 -16.86 16.69 16.98
CA LYS A 431 -17.19 16.53 18.39
C LYS A 431 -17.52 15.06 18.75
N ARG A 432 -17.52 14.18 17.72
CA ARG A 432 -17.85 12.77 17.86
C ARG A 432 -16.69 11.96 18.42
N LEU A 433 -17.00 10.96 19.26
CA LEU A 433 -16.03 10.05 19.86
C LEU A 433 -15.31 9.23 18.74
N GLY A 434 -13.98 9.26 18.78
CA GLY A 434 -13.09 8.60 17.83
C GLY A 434 -12.56 9.53 16.77
N CYS A 435 -13.26 10.65 16.56
CA CYS A 435 -13.01 11.68 15.53
C CYS A 435 -12.28 12.93 16.01
N ARG A 436 -11.74 12.93 17.22
CA ARG A 436 -11.11 14.14 17.75
C ARG A 436 -9.60 14.07 18.00
N GLY A 437 -8.95 13.07 17.42
CA GLY A 437 -7.51 12.86 17.55
C GLY A 437 -7.14 11.70 18.44
N GLU A 438 -8.15 11.03 19.02
CA GLU A 438 -7.98 9.88 19.94
C GLU A 438 -8.14 8.52 19.21
N GLY A 439 -8.93 8.52 18.13
CA GLY A 439 -9.23 7.38 17.29
C GLY A 439 -9.83 6.22 18.04
N ALA A 440 -9.53 5.01 17.56
CA ALA A 440 -9.99 3.76 18.15
C ALA A 440 -9.44 3.59 19.55
N ALA A 441 -8.17 4.03 19.79
CA ALA A 441 -7.49 3.94 21.10
C ALA A 441 -8.33 4.61 22.21
N GLY A 442 -8.87 5.79 21.89
CA GLY A 442 -9.73 6.54 22.78
C GLY A 442 -11.10 5.89 22.94
N VAL A 443 -11.63 5.27 21.88
CA VAL A 443 -12.94 4.61 21.95
C VAL A 443 -12.85 3.39 22.84
N LYS A 444 -11.77 2.60 22.70
CA LYS A 444 -11.51 1.40 23.49
C LYS A 444 -11.42 1.74 25.01
N GLN A 445 -11.02 2.99 25.33
CA GLN A 445 -10.88 3.53 26.68
C GLN A 445 -12.23 3.91 27.36
N HIS A 446 -13.37 3.77 26.67
CA HIS A 446 -14.69 4.11 27.23
C HIS A 446 -15.13 3.13 28.35
N PRO A 447 -15.77 3.66 29.43
CA PRO A 447 -16.21 2.80 30.56
C PRO A 447 -17.03 1.54 30.21
N VAL A 448 -17.82 1.49 29.08
CA VAL A 448 -18.55 0.26 28.71
C VAL A 448 -17.59 -0.94 28.58
N PHE A 449 -16.34 -0.66 28.13
CA PHE A 449 -15.33 -1.68 27.87
C PHE A 449 -14.46 -2.08 29.04
N LYS A 450 -14.77 -1.58 30.27
CA LYS A 450 -14.02 -1.87 31.51
C LYS A 450 -13.67 -3.34 31.71
N ASP A 451 -14.60 -4.25 31.36
CA ASP A 451 -14.44 -5.70 31.50
C ASP A 451 -13.67 -6.40 30.37
N ILE A 452 -13.29 -5.64 29.32
CA ILE A 452 -12.56 -6.18 28.17
C ILE A 452 -11.08 -5.86 28.25
N ASN A 453 -10.22 -6.89 28.15
CA ASN A 453 -8.77 -6.73 28.07
C ASN A 453 -8.51 -6.74 26.52
N PHE A 454 -8.35 -5.54 25.91
CA PHE A 454 -8.15 -5.39 24.47
C PHE A 454 -6.91 -6.13 23.94
N ARG A 455 -5.80 -6.13 24.70
CA ARG A 455 -4.60 -6.87 24.31
C ARG A 455 -4.96 -8.37 24.10
N ARG A 456 -5.79 -8.97 24.99
CA ARG A 456 -6.21 -10.38 24.84
C ARG A 456 -7.24 -10.57 23.75
N LEU A 457 -8.14 -9.60 23.53
CA LEU A 457 -9.17 -9.64 22.49
C LEU A 457 -8.49 -9.70 21.12
N GLU A 458 -7.50 -8.79 20.92
CA GLU A 458 -6.70 -8.65 19.70
C GLU A 458 -5.83 -9.86 19.47
N ALA A 459 -5.44 -10.56 20.56
CA ALA A 459 -4.62 -11.76 20.48
C ALA A 459 -5.46 -13.04 20.42
N ASN A 460 -6.82 -12.89 20.38
CA ASN A 460 -7.81 -13.99 20.34
C ASN A 460 -7.65 -14.90 21.57
N MET A 461 -7.74 -14.30 22.76
CA MET A 461 -7.58 -15.00 24.02
C MET A 461 -8.81 -14.87 24.91
N LEU A 462 -9.77 -14.06 24.46
CA LEU A 462 -11.04 -13.82 25.12
C LEU A 462 -12.11 -14.68 24.48
N GLU A 463 -12.83 -15.41 25.33
CA GLU A 463 -13.94 -16.26 24.94
C GLU A 463 -15.19 -15.36 24.82
N PRO A 464 -15.96 -15.48 23.71
CA PRO A 464 -17.16 -14.64 23.55
C PRO A 464 -18.24 -15.06 24.52
N PRO A 465 -19.20 -14.17 24.85
CA PRO A 465 -20.28 -14.60 25.76
C PRO A 465 -21.20 -15.62 25.09
N PHE A 466 -21.48 -15.42 23.79
CA PHE A 466 -22.32 -16.29 22.99
C PHE A 466 -21.51 -17.07 21.98
N CYS A 467 -21.83 -18.36 21.89
CA CYS A 467 -21.20 -19.25 20.92
C CYS A 467 -22.31 -19.88 20.11
N PRO A 468 -22.24 -19.81 18.77
CA PRO A 468 -23.28 -20.44 17.95
C PRO A 468 -23.27 -21.96 18.14
N ASP A 469 -24.46 -22.51 18.17
CA ASP A 469 -24.69 -23.94 18.29
C ASP A 469 -24.71 -24.51 16.86
N PRO A 470 -23.94 -25.58 16.52
CA PRO A 470 -24.08 -26.17 15.18
C PRO A 470 -25.44 -26.89 15.16
N HIS A 471 -25.92 -27.38 14.00
CA HIS A 471 -27.26 -28.02 13.89
C HIS A 471 -28.40 -26.97 13.95
N ALA A 472 -28.11 -25.77 14.57
CA ALA A 472 -29.03 -24.62 14.68
C ALA A 472 -28.90 -23.75 13.41
N VAL A 473 -30.02 -23.10 13.01
CA VAL A 473 -30.09 -22.25 11.80
C VAL A 473 -29.70 -20.81 12.13
N TYR A 474 -28.76 -20.22 11.33
CA TYR A 474 -28.29 -18.85 11.56
C TYR A 474 -28.43 -17.92 10.37
N CYS A 475 -29.14 -18.34 9.32
CA CYS A 475 -29.36 -17.53 8.11
C CYS A 475 -30.59 -17.99 7.34
N LYS A 476 -31.05 -17.19 6.36
CA LYS A 476 -32.16 -17.61 5.54
C LYS A 476 -31.63 -18.58 4.50
N ASP A 477 -32.33 -19.72 4.28
CA ASP A 477 -31.92 -20.63 3.21
C ASP A 477 -32.87 -20.36 2.07
N VAL A 478 -32.50 -20.47 0.78
CA VAL A 478 -31.30 -20.85 0.02
C VAL A 478 -31.26 -22.36 -0.26
N LEU A 479 -31.77 -22.70 -1.45
CA LEU A 479 -31.73 -24.03 -2.02
C LEU A 479 -30.28 -24.22 -2.53
N ASP A 480 -29.72 -25.44 -2.29
CA ASP A 480 -28.38 -25.80 -2.69
C ASP A 480 -28.33 -26.10 -4.20
N ILE A 481 -28.55 -25.05 -5.02
CA ILE A 481 -28.59 -25.14 -6.48
C ILE A 481 -28.20 -23.79 -7.11
N GLU A 482 -28.50 -23.66 -8.43
CA GLU A 482 -28.43 -22.50 -9.29
C GLU A 482 -27.12 -21.77 -9.40
N GLN A 483 -27.30 -20.45 -9.64
CA GLN A 483 -26.43 -19.31 -9.88
C GLN A 483 -27.25 -18.30 -10.76
N PHE A 484 -28.23 -18.82 -11.56
CA PHE A 484 -29.09 -18.18 -12.57
C PHE A 484 -29.68 -16.81 -12.20
N SER A 485 -29.67 -15.89 -13.21
CA SER A 485 -30.14 -14.51 -13.14
C SER A 485 -30.54 -13.92 -14.51
N VAL A 486 -31.10 -12.69 -14.48
CA VAL A 486 -31.52 -11.88 -15.64
C VAL A 486 -30.22 -11.51 -16.36
N VAL A 487 -30.00 -12.15 -17.52
CA VAL A 487 -28.81 -11.97 -18.33
C VAL A 487 -29.16 -11.59 -19.79
N LYS A 488 -30.45 -11.24 -20.03
CA LYS A 488 -30.92 -10.86 -21.36
C LYS A 488 -30.40 -9.47 -21.72
N GLY A 489 -29.86 -9.38 -22.92
CA GLY A 489 -29.28 -8.17 -23.50
C GLY A 489 -27.84 -7.92 -23.11
N ILE A 490 -27.24 -8.84 -22.33
CA ILE A 490 -25.86 -8.76 -21.85
C ILE A 490 -24.92 -9.60 -22.69
N TYR A 491 -23.92 -8.95 -23.28
CA TYR A 491 -22.92 -9.62 -24.13
C TYR A 491 -21.51 -9.19 -23.76
N LEU A 492 -20.69 -10.17 -23.41
CA LEU A 492 -19.30 -9.93 -23.03
C LEU A 492 -18.48 -9.66 -24.28
N ASP A 493 -17.91 -8.45 -24.36
CA ASP A 493 -17.12 -7.98 -25.49
C ASP A 493 -15.67 -7.69 -25.09
N THR A 494 -14.96 -6.87 -25.88
CA THR A 494 -13.58 -6.49 -25.67
C THR A 494 -13.39 -5.67 -24.41
N ALA A 495 -14.30 -4.72 -24.15
CA ALA A 495 -14.28 -3.84 -22.99
C ALA A 495 -14.33 -4.60 -21.66
N ASP A 496 -14.98 -5.78 -21.67
CA ASP A 496 -15.12 -6.64 -20.50
C ASP A 496 -13.82 -7.37 -20.22
N GLU A 497 -13.12 -7.78 -21.28
CA GLU A 497 -11.82 -8.45 -21.25
C GLU A 497 -10.76 -7.49 -20.73
N ASP A 498 -10.95 -6.18 -21.04
CA ASP A 498 -10.06 -5.09 -20.64
C ASP A 498 -10.15 -4.88 -19.12
N PHE A 499 -11.26 -5.35 -18.53
CA PHE A 499 -11.53 -5.28 -17.10
C PHE A 499 -10.99 -6.56 -16.45
N TYR A 500 -11.26 -7.75 -17.05
CA TYR A 500 -10.76 -9.04 -16.52
C TYR A 500 -9.22 -9.06 -16.45
N ALA A 501 -8.55 -8.35 -17.37
CA ALA A 501 -7.10 -8.20 -17.45
C ALA A 501 -6.57 -7.59 -16.14
N ARG A 502 -7.31 -6.62 -15.57
CA ARG A 502 -6.98 -5.91 -14.33
C ARG A 502 -7.14 -6.77 -13.06
N PHE A 503 -7.90 -7.88 -13.13
CA PHE A 503 -8.21 -8.79 -12.02
C PHE A 503 -7.17 -9.90 -11.92
N ALA A 504 -6.21 -9.75 -11.00
CA ALA A 504 -5.16 -10.71 -10.78
C ALA A 504 -5.71 -11.94 -10.07
N THR A 505 -5.15 -13.10 -10.38
CA THR A 505 -5.60 -14.34 -9.77
C THR A 505 -4.40 -15.01 -9.11
N GLY A 506 -4.71 -15.89 -8.18
CA GLY A 506 -3.75 -16.65 -7.40
C GLY A 506 -4.11 -16.55 -5.94
N CYS A 507 -3.14 -16.66 -5.08
CA CYS A 507 -3.47 -16.57 -3.67
C CYS A 507 -3.04 -15.23 -3.06
N VAL A 508 -3.43 -15.03 -1.82
CA VAL A 508 -3.08 -13.87 -1.03
C VAL A 508 -2.10 -14.47 -0.03
N SER A 509 -0.84 -14.03 -0.14
CA SER A 509 0.33 -14.45 0.61
C SER A 509 0.12 -14.78 2.12
N ILE A 510 -0.11 -13.76 3.00
CA ILE A 510 -0.27 -13.98 4.46
C ILE A 510 -1.38 -15.00 4.69
N PRO A 511 -2.61 -14.86 4.13
CA PRO A 511 -3.63 -15.92 4.33
C PRO A 511 -3.16 -17.32 3.91
N TRP A 512 -2.50 -17.42 2.75
CA TRP A 512 -2.00 -18.67 2.21
C TRP A 512 -0.99 -19.38 3.13
N GLN A 513 -0.01 -18.63 3.63
CA GLN A 513 1.04 -19.11 4.53
C GLN A 513 0.45 -19.58 5.84
N ASN A 514 -0.53 -18.82 6.40
CA ASN A 514 -1.22 -19.21 7.63
C ASN A 514 -1.97 -20.51 7.40
N GLU A 515 -2.63 -20.62 6.24
CA GLU A 515 -3.34 -21.85 5.89
C GLU A 515 -2.37 -23.06 5.83
N MET A 516 -1.16 -22.89 5.23
CA MET A 516 -0.20 -24.00 5.10
C MET A 516 0.24 -24.53 6.48
N ILE A 517 0.46 -23.62 7.44
CA ILE A 517 0.84 -23.96 8.81
C ILE A 517 -0.34 -24.60 9.56
N GLU A 518 -1.51 -23.93 9.59
CA GLU A 518 -2.72 -24.39 10.27
C GLU A 518 -3.20 -25.80 9.85
N SER A 519 -3.10 -26.11 8.53
CA SER A 519 -3.48 -27.39 7.94
C SER A 519 -2.45 -28.50 8.23
N GLY A 520 -1.30 -28.10 8.81
CA GLY A 520 -0.21 -29.00 9.14
C GLY A 520 0.67 -29.36 7.96
N CYS A 521 0.34 -28.83 6.75
CA CYS A 521 1.07 -29.08 5.52
C CYS A 521 2.50 -28.60 5.57
N PHE A 522 2.75 -27.48 6.28
CA PHE A 522 4.09 -26.93 6.41
C PHE A 522 4.93 -27.86 7.30
N LYS A 523 4.35 -28.23 8.47
CA LYS A 523 4.92 -29.13 9.46
C LYS A 523 5.29 -30.51 8.84
N ASP A 524 4.40 -31.06 7.97
CA ASP A 524 4.56 -32.38 7.32
C ASP A 524 5.35 -32.33 5.98
N ILE A 525 6.03 -31.19 5.68
CA ILE A 525 6.86 -31.03 4.49
C ILE A 525 8.23 -30.47 4.90
N GLY B 25 4.36 34.20 -11.30
CA GLY B 25 4.85 33.68 -10.03
C GLY B 25 3.76 33.58 -8.97
N ARG B 26 4.13 33.91 -7.73
CA ARG B 26 3.24 33.88 -6.57
C ARG B 26 2.14 34.95 -6.69
N SER B 27 0.96 34.70 -6.11
CA SER B 27 -0.13 35.68 -6.14
C SER B 27 0.12 36.79 -5.12
N LYS B 28 -0.62 37.91 -5.26
CA LYS B 28 -0.52 39.11 -4.41
C LYS B 28 -0.78 38.76 -2.95
N LYS B 29 -1.83 37.94 -2.71
CA LYS B 29 -2.28 37.45 -1.39
C LYS B 29 -1.72 36.05 -1.02
N TRP B 30 -0.50 35.69 -1.56
CA TRP B 30 0.15 34.40 -1.32
C TRP B 30 0.37 34.08 0.16
N LYS B 31 0.72 35.11 0.95
CA LYS B 31 0.93 34.95 2.39
C LYS B 31 -0.36 34.70 3.14
N GLU B 32 -1.52 35.16 2.61
CA GLU B 32 -2.83 34.93 3.23
C GLU B 32 -3.33 33.51 2.92
N ILE B 33 -2.95 32.98 1.74
CA ILE B 33 -3.34 31.64 1.30
C ILE B 33 -2.52 30.63 2.09
N LEU B 34 -1.20 30.87 2.16
CA LEU B 34 -0.25 30.05 2.89
C LEU B 34 0.08 30.78 4.20
N THR B 35 -0.86 30.72 5.12
CA THR B 35 -0.72 31.32 6.46
C THR B 35 -0.75 30.10 7.34
N LEU B 36 0.27 29.96 8.17
CA LEU B 36 0.28 28.84 9.10
C LEU B 36 -0.79 29.07 10.17
N PRO B 37 -1.50 28.02 10.64
CA PRO B 37 -2.53 28.26 11.65
C PRO B 37 -1.89 28.40 13.02
N PRO B 38 -2.61 28.79 14.08
CA PRO B 38 -1.97 28.78 15.40
C PRO B 38 -1.74 27.32 15.81
N VAL B 39 -0.64 27.04 16.52
CA VAL B 39 -0.20 25.71 16.99
C VAL B 39 -1.31 24.97 17.79
N SER B 40 -2.19 25.72 18.45
CA SER B 40 -3.30 25.14 19.23
C SER B 40 -4.35 24.46 18.33
N GLN B 41 -4.45 24.89 17.05
CA GLN B 41 -5.39 24.36 16.05
C GLN B 41 -4.93 23.02 15.49
N CYS B 42 -3.67 22.65 15.78
CA CYS B 42 -2.97 21.44 15.33
C CYS B 42 -2.97 20.31 16.34
N SER B 43 -3.69 20.49 17.44
CA SER B 43 -3.79 19.53 18.53
C SER B 43 -4.31 18.17 18.05
N GLU B 44 -5.45 18.10 17.29
CA GLU B 44 -6.03 16.85 16.74
C GLU B 44 -4.97 16.10 15.93
N LEU B 45 -4.34 16.80 14.95
CA LEU B 45 -3.27 16.32 14.08
C LEU B 45 -2.11 15.77 14.92
N ARG B 46 -1.63 16.54 15.92
CA ARG B 46 -0.53 16.12 16.79
C ARG B 46 -0.71 14.74 17.39
N HIS B 47 -1.85 14.46 17.97
CA HIS B 47 -2.13 13.19 18.64
C HIS B 47 -2.46 12.09 17.69
N SER B 48 -3.18 12.39 16.59
CA SER B 48 -3.59 11.40 15.60
C SER B 48 -2.44 10.90 14.71
N ILE B 49 -1.52 11.78 14.25
CA ILE B 49 -0.40 11.42 13.39
C ILE B 49 0.43 10.26 13.99
N GLU B 50 0.70 9.23 13.17
CA GLU B 50 1.47 8.03 13.50
C GLU B 50 2.94 8.48 13.63
N LYS B 51 3.53 8.23 14.81
CA LYS B 51 4.90 8.63 15.15
C LYS B 51 5.96 7.70 14.55
N ASP B 52 6.00 7.66 13.21
CA ASP B 52 6.92 6.87 12.40
C ASP B 52 8.09 7.75 11.98
N TYR B 53 9.30 7.36 12.41
CA TYR B 53 10.55 8.07 12.13
C TYR B 53 10.89 8.17 10.63
N SER B 54 10.73 7.08 9.87
CA SER B 54 11.04 7.07 8.43
C SER B 54 10.20 8.04 7.63
N SER B 55 8.93 8.21 8.05
CA SER B 55 8.00 9.09 7.38
C SER B 55 8.20 10.54 7.80
N LEU B 56 8.09 10.83 9.10
CA LEU B 56 8.17 12.18 9.65
C LEU B 56 9.51 12.89 9.59
N CYS B 57 10.62 12.16 9.60
CA CYS B 57 11.97 12.71 9.64
C CYS B 57 12.78 12.49 8.37
N ASP B 58 12.19 11.77 7.41
CA ASP B 58 12.90 11.49 6.20
C ASP B 58 12.06 11.53 4.93
N LYS B 59 11.03 10.70 4.84
CA LYS B 59 10.25 10.62 3.61
C LYS B 59 9.39 11.84 3.33
N GLN B 60 8.90 12.57 4.36
CA GLN B 60 8.11 13.80 4.19
C GLN B 60 9.12 14.94 4.13
N PRO B 61 9.22 15.64 2.97
CA PRO B 61 10.27 16.66 2.80
C PRO B 61 10.33 17.77 3.85
N ILE B 62 9.16 18.28 4.30
CA ILE B 62 9.15 19.35 5.29
C ILE B 62 9.58 18.78 6.66
N GLY B 63 9.12 17.57 6.93
CA GLY B 63 9.47 16.84 8.14
C GLY B 63 10.96 16.65 8.26
N ARG B 64 11.61 16.25 7.13
CA ARG B 64 13.04 16.04 7.06
C ARG B 64 13.80 17.30 7.30
N ARG B 65 13.37 18.42 6.70
CA ARG B 65 14.01 19.73 6.88
C ARG B 65 13.92 20.22 8.33
N LEU B 66 12.76 20.04 8.97
CA LEU B 66 12.51 20.47 10.33
C LEU B 66 13.22 19.61 11.38
N PHE B 67 13.32 18.26 11.16
CA PHE B 67 14.07 17.39 12.10
C PHE B 67 15.55 17.74 12.06
N ARG B 68 16.08 18.11 10.87
CA ARG B 68 17.48 18.48 10.67
C ARG B 68 17.77 19.84 11.30
N GLN B 69 16.77 20.72 11.32
CA GLN B 69 16.86 22.04 11.94
C GLN B 69 16.95 21.82 13.45
N PHE B 70 16.17 20.86 13.97
CA PHE B 70 16.18 20.53 15.37
C PHE B 70 17.56 19.97 15.74
N CYS B 71 18.11 19.04 14.92
CA CYS B 71 19.42 18.42 15.13
C CYS B 71 20.53 19.44 15.17
N ASP B 72 20.47 20.44 14.27
CA ASP B 72 21.45 21.54 14.19
C ASP B 72 21.69 22.26 15.52
N THR B 73 20.69 22.28 16.40
CA THR B 73 20.73 22.88 17.74
C THR B 73 21.45 22.00 18.77
N LYS B 74 21.55 20.67 18.55
CA LYS B 74 22.22 19.75 19.47
C LYS B 74 23.53 19.24 18.82
N PRO B 75 24.71 19.70 19.31
CA PRO B 75 26.00 19.30 18.70
C PRO B 75 26.17 17.83 18.35
N THR B 76 25.81 16.92 19.27
CA THR B 76 25.92 15.47 19.05
C THR B 76 25.04 15.00 17.89
N LEU B 77 23.83 15.55 17.76
CA LEU B 77 22.89 15.22 16.68
C LEU B 77 23.32 15.80 15.33
N LYS B 78 23.89 17.02 15.35
CA LYS B 78 24.37 17.73 14.16
C LYS B 78 25.43 16.91 13.42
N ARG B 79 26.35 16.28 14.17
CA ARG B 79 27.41 15.41 13.66
C ARG B 79 26.82 14.17 12.99
N HIS B 80 25.73 13.60 13.56
CA HIS B 80 25.02 12.44 13.00
C HIS B 80 24.48 12.76 11.60
N ILE B 81 23.85 13.95 11.44
CA ILE B 81 23.31 14.44 10.16
C ILE B 81 24.44 14.69 9.15
N GLU B 82 25.56 15.27 9.62
CA GLU B 82 26.71 15.52 8.76
C GLU B 82 27.27 14.20 8.24
N PHE B 83 27.33 13.19 9.13
CA PHE B 83 27.77 11.84 8.78
C PHE B 83 26.84 11.24 7.71
N LEU B 84 25.51 11.39 7.89
CA LEU B 84 24.56 10.87 6.89
C LEU B 84 24.70 11.58 5.55
N ASP B 85 24.93 12.90 5.57
CA ASP B 85 25.15 13.70 4.36
C ASP B 85 26.48 13.35 3.69
N ALA B 86 27.49 12.99 4.48
CA ALA B 86 28.78 12.57 3.95
C ALA B 86 28.62 11.18 3.28
N VAL B 87 27.85 10.26 3.90
CA VAL B 87 27.63 8.94 3.34
C VAL B 87 26.85 9.01 2.03
N ALA B 88 25.85 9.90 1.95
CA ALA B 88 25.05 10.16 0.76
C ALA B 88 25.95 10.69 -0.37
N GLU B 89 26.96 11.52 -0.04
CA GLU B 89 27.91 12.07 -1.01
C GLU B 89 28.76 10.93 -1.57
N TYR B 90 29.21 10.01 -0.69
CA TYR B 90 30.04 8.87 -1.05
C TYR B 90 29.27 7.94 -1.96
N GLU B 91 28.00 7.68 -1.62
CA GLU B 91 27.14 6.78 -2.40
C GLU B 91 26.98 7.21 -3.84
N VAL B 92 26.97 8.52 -4.10
CA VAL B 92 26.85 9.10 -5.44
C VAL B 92 28.21 9.50 -6.05
N ALA B 93 29.33 9.25 -5.35
CA ALA B 93 30.65 9.63 -5.88
C ALA B 93 31.06 8.87 -7.13
N ASP B 94 31.87 9.53 -8.00
CA ASP B 94 32.39 8.92 -9.21
C ASP B 94 33.43 7.88 -8.80
N ASP B 95 33.59 6.85 -9.62
CA ASP B 95 34.48 5.72 -9.35
C ASP B 95 35.92 6.12 -8.93
N GLU B 96 36.49 7.13 -9.58
CA GLU B 96 37.85 7.62 -9.30
C GLU B 96 37.91 8.56 -8.05
N ASP B 97 36.74 8.93 -7.49
CA ASP B 97 36.61 9.81 -6.32
C ASP B 97 36.11 9.12 -5.04
N ARG B 98 35.52 7.93 -5.18
CA ARG B 98 34.93 7.14 -4.10
C ARG B 98 35.89 6.84 -2.93
N SER B 99 37.10 6.39 -3.22
CA SER B 99 38.09 6.09 -2.18
C SER B 99 38.48 7.35 -1.37
N ASP B 100 38.53 8.52 -2.03
CA ASP B 100 38.84 9.79 -1.40
C ASP B 100 37.72 10.20 -0.42
N CYS B 101 36.44 9.98 -0.81
CA CYS B 101 35.25 10.26 0.01
C CYS B 101 35.28 9.40 1.25
N GLY B 102 35.45 8.10 1.05
CA GLY B 102 35.49 7.07 2.07
C GLY B 102 36.56 7.30 3.11
N LEU B 103 37.76 7.63 2.64
CA LEU B 103 38.91 7.93 3.49
C LEU B 103 38.62 9.21 4.28
N SER B 104 37.93 10.16 3.64
CA SER B 104 37.58 11.42 4.26
C SER B 104 36.59 11.17 5.39
N ILE B 105 35.54 10.34 5.14
CA ILE B 105 34.53 10.00 6.16
C ILE B 105 35.20 9.43 7.40
N LEU B 106 36.17 8.50 7.20
CA LEU B 106 36.95 7.83 8.24
C LEU B 106 37.75 8.86 9.06
N ASP B 107 38.50 9.76 8.39
CA ASP B 107 39.30 10.83 9.00
C ASP B 107 38.46 11.81 9.84
N ARG B 108 37.31 12.24 9.28
CA ARG B 108 36.41 13.19 9.93
C ARG B 108 35.55 12.61 11.03
N PHE B 109 35.04 11.37 10.85
CA PHE B 109 34.12 10.78 11.84
C PHE B 109 34.69 9.63 12.68
N PHE B 110 35.79 9.02 12.26
CA PHE B 110 36.31 7.89 13.02
C PHE B 110 37.80 8.01 13.36
N ASN B 111 38.27 9.26 13.54
CA ASN B 111 39.64 9.59 13.90
C ASN B 111 39.91 9.00 15.29
N ASP B 112 40.83 8.01 15.36
CA ASP B 112 41.16 7.32 16.62
C ASP B 112 41.91 8.21 17.63
N LYS B 113 42.61 9.23 17.12
CA LYS B 113 43.36 10.20 17.92
C LYS B 113 42.45 11.26 18.55
N LEU B 114 41.12 11.17 18.27
CA LEU B 114 40.08 12.10 18.75
C LEU B 114 38.93 11.33 19.42
N ALA B 115 38.03 12.06 20.11
CA ALA B 115 36.86 11.46 20.78
C ALA B 115 35.87 10.92 19.69
N ALA B 116 34.88 10.11 20.11
CA ALA B 116 33.92 9.54 19.18
C ALA B 116 32.71 10.45 18.93
N PRO B 117 32.55 10.96 17.67
CA PRO B 117 31.39 11.81 17.37
C PRO B 117 30.09 10.97 17.36
N LEU B 118 30.22 9.72 16.88
CA LEU B 118 29.18 8.70 16.73
C LEU B 118 29.58 7.52 17.64
N PRO B 119 29.36 7.63 18.98
CA PRO B 119 29.80 6.57 19.91
C PRO B 119 29.05 5.25 19.79
N GLU B 120 27.75 5.32 19.44
CA GLU B 120 26.91 4.14 19.28
C GLU B 120 27.36 3.19 18.16
N ILE B 121 28.26 3.63 17.24
CA ILE B 121 28.73 2.72 16.20
C ILE B 121 29.74 1.72 16.80
N PRO B 122 29.41 0.41 16.82
CA PRO B 122 30.33 -0.59 17.40
C PRO B 122 31.71 -0.64 16.72
N PRO B 123 32.79 -0.84 17.50
CA PRO B 123 34.15 -0.87 16.91
C PRO B 123 34.35 -1.86 15.78
N ASP B 124 33.63 -2.99 15.81
CA ASP B 124 33.74 -4.01 14.79
C ASP B 124 33.21 -3.54 13.43
N VAL B 125 32.21 -2.61 13.47
CA VAL B 125 31.56 -2.01 12.29
C VAL B 125 32.54 -0.99 11.71
N VAL B 126 33.14 -0.14 12.57
CA VAL B 126 34.13 0.86 12.18
C VAL B 126 35.25 0.12 11.46
N THR B 127 35.82 -0.93 12.12
CA THR B 127 36.89 -1.80 11.62
C THR B 127 36.57 -2.33 10.23
N GLU B 128 35.36 -2.92 10.06
CA GLU B 128 34.92 -3.47 8.80
C GLU B 128 34.92 -2.41 7.69
N CYS B 129 34.56 -1.15 8.01
CA CYS B 129 34.59 -0.04 7.05
C CYS B 129 36.00 0.18 6.54
N ARG B 130 36.94 0.34 7.50
CA ARG B 130 38.36 0.55 7.28
C ARG B 130 38.91 -0.54 6.36
N LEU B 131 38.43 -1.80 6.50
CA LEU B 131 38.89 -2.93 5.68
C LEU B 131 38.30 -2.91 4.26
N GLY B 132 37.02 -2.62 4.15
CA GLY B 132 36.34 -2.51 2.86
C GLY B 132 36.84 -1.33 2.04
N LEU B 133 37.35 -0.28 2.72
CA LEU B 133 37.88 0.92 2.07
C LEU B 133 39.37 0.81 1.73
N LYS B 134 40.00 -0.31 2.13
CA LYS B 134 41.39 -0.59 1.80
C LYS B 134 41.37 -1.10 0.36
N GLU B 135 40.37 -1.95 0.05
CA GLU B 135 40.12 -2.56 -1.26
C GLU B 135 40.05 -1.48 -2.36
N GLU B 136 40.73 -1.71 -3.49
CA GLU B 136 40.78 -0.75 -4.59
C GLU B 136 39.45 -0.62 -5.35
N ASN B 137 38.55 -1.62 -5.25
CA ASN B 137 37.21 -1.52 -5.85
C ASN B 137 36.24 -1.43 -4.63
N PRO B 138 36.08 -0.24 -3.95
CA PRO B 138 35.23 -0.19 -2.76
C PRO B 138 33.75 -0.17 -3.05
N SER B 139 33.01 -1.01 -2.29
CA SER B 139 31.55 -1.20 -2.37
C SER B 139 30.89 0.11 -2.00
N LYS B 140 29.97 0.62 -2.87
CA LYS B 140 29.24 1.87 -2.63
C LYS B 140 28.33 1.75 -1.38
N LYS B 141 28.19 0.50 -0.85
CA LYS B 141 27.39 0.08 0.31
C LYS B 141 28.24 -0.04 1.59
N ALA B 142 29.51 0.37 1.54
CA ALA B 142 30.44 0.30 2.65
C ALA B 142 29.98 0.96 3.96
N PHE B 143 29.14 1.98 3.88
CA PHE B 143 28.73 2.65 5.10
C PHE B 143 27.30 2.37 5.52
N GLU B 144 26.64 1.39 4.89
CA GLU B 144 25.26 1.03 5.17
C GLU B 144 24.98 0.60 6.61
N GLU B 145 25.90 -0.15 7.22
CA GLU B 145 25.75 -0.61 8.58
C GLU B 145 25.96 0.54 9.58
N CYS B 146 26.90 1.45 9.30
CA CYS B 146 27.18 2.67 10.04
C CYS B 146 25.91 3.54 9.97
N THR B 147 25.34 3.67 8.74
CA THR B 147 24.11 4.40 8.46
C THR B 147 22.91 3.82 9.26
N ARG B 148 22.71 2.47 9.19
CA ARG B 148 21.63 1.75 9.88
C ARG B 148 21.71 1.99 11.38
N VAL B 149 22.92 1.87 11.97
CA VAL B 149 23.15 2.07 13.40
C VAL B 149 22.87 3.53 13.80
N ALA B 150 23.26 4.53 12.96
CA ALA B 150 23.02 5.97 13.19
C ALA B 150 21.51 6.27 13.25
N HIS B 151 20.72 5.75 12.31
CA HIS B 151 19.26 5.90 12.30
C HIS B 151 18.61 5.20 13.50
N ASN B 152 19.17 4.07 13.96
CA ASN B 152 18.63 3.36 15.13
C ASN B 152 18.72 4.28 16.35
N TYR B 153 19.83 5.04 16.47
CA TYR B 153 20.05 5.99 17.55
C TYR B 153 19.07 7.16 17.39
N LEU B 154 18.98 7.75 16.18
CA LEU B 154 18.13 8.89 15.87
C LEU B 154 16.65 8.62 16.07
N ARG B 155 16.20 7.40 15.77
CA ARG B 155 14.79 7.09 15.93
C ARG B 155 14.40 6.82 17.38
N GLY B 156 15.37 6.89 18.28
CA GLY B 156 15.17 6.70 19.71
C GLY B 156 14.88 7.99 20.44
N GLU B 157 15.71 8.34 21.46
CA GLU B 157 15.57 9.58 22.25
C GLU B 157 15.60 10.85 21.36
N PRO B 158 16.53 11.01 20.38
CA PRO B 158 16.49 12.21 19.51
C PRO B 158 15.12 12.47 18.88
N PHE B 159 14.46 11.41 18.39
CA PHE B 159 13.13 11.49 17.79
C PHE B 159 12.09 11.91 18.84
N GLU B 160 12.18 11.33 20.06
CA GLU B 160 11.27 11.66 21.18
C GLU B 160 11.33 13.14 21.50
N GLU B 161 12.55 13.65 21.69
CA GLU B 161 12.91 15.04 21.99
C GLU B 161 12.46 16.00 20.85
N TYR B 162 12.57 15.58 19.56
CA TYR B 162 12.14 16.36 18.40
C TYR B 162 10.63 16.61 18.47
N GLN B 163 9.85 15.57 18.83
CA GLN B 163 8.40 15.60 18.97
C GLN B 163 7.90 16.59 20.04
N GLU B 164 8.80 16.95 20.96
CA GLU B 164 8.50 17.87 22.07
C GLU B 164 9.08 19.26 21.81
N SER B 165 9.62 19.48 20.58
CA SER B 165 10.22 20.75 20.16
C SER B 165 9.30 21.63 19.33
N SER B 166 9.75 22.87 19.15
CA SER B 166 9.02 23.88 18.40
C SER B 166 9.03 23.52 16.91
N TYR B 167 10.06 22.78 16.44
CA TYR B 167 10.21 22.36 15.04
C TYR B 167 9.10 21.39 14.61
N PHE B 168 8.72 20.45 15.53
CA PHE B 168 7.66 19.49 15.25
C PHE B 168 6.33 20.21 15.13
N SER B 169 6.11 21.19 16.02
CA SER B 169 4.91 22.02 16.07
C SER B 169 4.78 22.73 14.74
N GLN B 170 5.89 23.26 14.22
CA GLN B 170 5.95 23.91 12.92
C GLN B 170 5.60 22.91 11.81
N PHE B 171 6.12 21.64 11.90
CA PHE B 171 5.83 20.58 10.93
C PHE B 171 4.31 20.32 10.93
N LEU B 172 3.68 20.30 12.12
CA LEU B 172 2.23 20.08 12.25
C LEU B 172 1.38 21.20 11.64
N GLN B 173 1.92 22.46 11.66
CA GLN B 173 1.28 23.62 11.06
C GLN B 173 1.24 23.41 9.56
N TRP B 174 2.38 23.00 8.96
CA TRP B 174 2.47 22.71 7.53
C TRP B 174 1.54 21.56 7.11
N LYS B 175 1.40 20.57 8.01
CA LYS B 175 0.58 19.38 7.83
C LYS B 175 -0.89 19.74 7.80
N TRP B 176 -1.26 20.80 8.55
CA TRP B 176 -2.60 21.35 8.62
C TRP B 176 -2.91 22.07 7.31
N LEU B 177 -1.96 22.89 6.83
CA LEU B 177 -2.06 23.65 5.59
C LEU B 177 -2.26 22.65 4.45
N GLU B 178 -1.43 21.60 4.44
CA GLU B 178 -1.44 20.50 3.49
C GLU B 178 -2.84 19.91 3.32
N ARG B 179 -3.61 19.74 4.42
CA ARG B 179 -4.96 19.15 4.33
C ARG B 179 -6.05 20.19 4.01
N GLN B 180 -5.66 21.45 3.71
CA GLN B 180 -6.65 22.49 3.39
C GLN B 180 -7.31 22.25 2.01
N PRO B 181 -8.59 22.68 1.82
CA PRO B 181 -9.29 22.40 0.56
C PRO B 181 -8.59 22.81 -0.73
N VAL B 182 -8.79 21.97 -1.77
CA VAL B 182 -8.25 22.14 -3.13
C VAL B 182 -9.43 22.22 -4.11
N THR B 183 -9.47 23.32 -4.90
CA THR B 183 -10.49 23.56 -5.93
C THR B 183 -9.80 24.11 -7.18
N LYS B 184 -10.57 24.34 -8.27
CA LYS B 184 -10.06 24.89 -9.54
C LYS B 184 -9.44 26.26 -9.29
N ASN B 185 -9.87 26.92 -8.21
CA ASN B 185 -9.44 28.25 -7.81
C ASN B 185 -8.10 28.25 -7.13
N THR B 186 -7.53 27.06 -6.88
CA THR B 186 -6.19 26.91 -6.29
C THR B 186 -5.19 27.22 -7.41
N PHE B 187 -5.62 27.06 -8.67
CA PHE B 187 -4.84 27.25 -9.87
C PHE B 187 -5.34 28.33 -10.86
N ARG B 188 -4.44 28.76 -11.77
CA ARG B 188 -4.65 29.65 -12.91
C ARG B 188 -4.50 28.67 -14.10
N HIS B 189 -5.51 28.58 -14.95
CA HIS B 189 -5.55 27.68 -16.08
C HIS B 189 -5.21 28.35 -17.38
N TYR B 190 -4.07 27.97 -17.92
CA TYR B 190 -3.52 28.47 -19.18
C TYR B 190 -3.82 27.54 -20.36
N ARG B 191 -3.08 27.73 -21.47
CA ARG B 191 -3.23 27.04 -22.74
C ARG B 191 -3.29 25.52 -22.67
N VAL B 192 -4.15 24.94 -23.52
CA VAL B 192 -4.33 23.50 -23.69
C VAL B 192 -3.00 23.00 -24.31
N LEU B 193 -2.45 21.94 -23.72
CA LEU B 193 -1.20 21.30 -24.12
C LEU B 193 -1.42 20.11 -25.05
N GLY B 194 -2.56 19.43 -24.87
CA GLY B 194 -2.93 18.25 -25.65
C GLY B 194 -4.36 17.81 -25.46
N LYS B 195 -4.76 16.77 -26.20
CA LYS B 195 -6.11 16.25 -26.12
C LYS B 195 -6.12 14.75 -25.95
N GLY B 196 -6.82 14.32 -24.91
CA GLY B 196 -6.98 12.92 -24.56
C GLY B 196 -8.38 12.42 -24.78
N GLY B 197 -8.55 11.12 -24.50
CA GLY B 197 -9.82 10.41 -24.63
C GLY B 197 -10.90 10.91 -23.70
N PHE B 198 -10.55 11.24 -22.44
CA PHE B 198 -11.54 11.72 -21.48
C PHE B 198 -11.65 13.23 -21.39
N GLY B 199 -10.79 13.95 -22.10
CA GLY B 199 -10.83 15.41 -22.10
C GLY B 199 -9.54 16.06 -22.52
N GLU B 200 -9.31 17.30 -22.10
CA GLU B 200 -8.08 18.01 -22.46
C GLU B 200 -7.11 18.18 -21.29
N VAL B 201 -5.83 18.38 -21.63
CA VAL B 201 -4.76 18.60 -20.68
C VAL B 201 -4.32 20.03 -20.95
N CYS B 202 -4.25 20.86 -19.92
CA CYS B 202 -3.84 22.24 -20.07
C CYS B 202 -2.75 22.59 -19.07
N ALA B 203 -2.02 23.69 -19.29
CA ALA B 203 -0.94 24.14 -18.42
C ALA B 203 -1.56 24.94 -17.27
N CYS B 204 -1.27 24.60 -16.01
CA CYS B 204 -1.87 25.34 -14.89
C CYS B 204 -0.84 25.75 -13.85
N GLN B 205 -1.10 26.85 -13.16
CA GLN B 205 -0.17 27.37 -12.18
C GLN B 205 -0.83 27.51 -10.83
N VAL B 206 -0.19 27.00 -9.77
CA VAL B 206 -0.69 27.13 -8.40
C VAL B 206 -0.61 28.65 -8.07
N ARG B 207 -1.75 29.23 -7.70
CA ARG B 207 -1.84 30.65 -7.38
C ARG B 207 -0.87 31.07 -6.27
N ALA B 208 -0.85 30.31 -5.15
CA ALA B 208 -0.04 30.64 -3.98
C ALA B 208 1.50 30.57 -4.16
N THR B 209 2.03 29.67 -4.99
CA THR B 209 3.48 29.48 -5.15
C THR B 209 4.05 29.82 -6.53
N GLY B 210 3.19 29.77 -7.57
CA GLY B 210 3.63 30.02 -8.93
C GLY B 210 4.19 28.78 -9.63
N LYS B 211 4.07 27.60 -8.99
CA LYS B 211 4.54 26.34 -9.57
C LYS B 211 3.60 25.96 -10.72
N MET B 212 4.19 25.55 -11.85
CA MET B 212 3.54 25.13 -13.08
C MET B 212 3.33 23.62 -13.07
N TYR B 213 2.21 23.19 -13.60
CA TYR B 213 1.82 21.79 -13.67
C TYR B 213 1.04 21.58 -14.94
N ALA B 214 0.62 20.33 -15.19
CA ALA B 214 -0.22 19.92 -16.31
C ALA B 214 -1.53 19.50 -15.64
N CYS B 215 -2.65 20.08 -16.06
CA CYS B 215 -3.94 19.73 -15.50
C CYS B 215 -4.73 18.95 -16.51
N LYS B 216 -4.85 17.65 -16.23
CA LYS B 216 -5.55 16.65 -17.02
C LYS B 216 -7.00 16.66 -16.55
N LYS B 217 -7.90 17.18 -17.40
CA LYS B 217 -9.32 17.24 -17.08
C LYS B 217 -10.03 16.02 -17.61
N LEU B 218 -10.61 15.20 -16.72
CA LEU B 218 -11.33 13.99 -17.13
C LEU B 218 -12.81 14.32 -17.07
N GLN B 219 -13.43 14.57 -18.24
CA GLN B 219 -14.85 14.92 -18.33
C GLN B 219 -15.74 13.79 -17.91
N LYS B 220 -16.63 14.09 -16.96
CA LYS B 220 -17.59 13.19 -16.34
C LYS B 220 -18.44 12.43 -17.36
N LYS B 221 -18.90 13.15 -18.42
CA LYS B 221 -19.71 12.58 -19.50
C LYS B 221 -18.89 11.64 -20.39
N ARG B 222 -17.62 11.98 -20.60
CA ARG B 222 -16.67 11.20 -21.38
C ARG B 222 -16.30 9.91 -20.64
N ILE B 223 -16.16 9.96 -19.29
CA ILE B 223 -15.87 8.80 -18.43
C ILE B 223 -17.08 7.85 -18.50
N LYS B 224 -18.27 8.42 -18.36
CA LYS B 224 -19.52 7.65 -18.42
C LYS B 224 -19.70 6.94 -19.79
N LYS B 225 -19.48 7.67 -20.91
CA LYS B 225 -19.63 7.15 -22.27
C LYS B 225 -18.57 6.08 -22.59
N ARG B 226 -17.33 6.29 -22.17
CA ARG B 226 -16.26 5.34 -22.45
C ARG B 226 -16.04 4.30 -21.34
N LYS B 227 -16.97 4.21 -20.34
CA LYS B 227 -16.90 3.28 -19.18
C LYS B 227 -15.49 3.33 -18.48
N GLY B 228 -14.93 4.52 -18.30
CA GLY B 228 -13.59 4.68 -17.73
C GLY B 228 -13.48 4.93 -16.25
N GLU B 229 -14.49 4.49 -15.48
CA GLU B 229 -14.59 4.64 -14.04
C GLU B 229 -13.45 3.89 -13.33
N ALA B 230 -13.39 2.55 -13.51
CA ALA B 230 -12.35 1.73 -12.87
C ALA B 230 -10.98 2.21 -13.30
N MET B 231 -10.85 2.67 -14.56
CA MET B 231 -9.62 3.19 -15.15
C MET B 231 -9.15 4.46 -14.45
N ALA B 232 -10.05 5.46 -14.29
CA ALA B 232 -9.77 6.76 -13.65
C ALA B 232 -9.31 6.62 -12.20
N LEU B 233 -10.00 5.74 -11.42
CA LEU B 233 -9.67 5.48 -10.01
C LEU B 233 -8.30 4.84 -9.90
N ASN B 234 -7.98 3.94 -10.86
CA ASN B 234 -6.72 3.21 -10.95
C ASN B 234 -5.53 4.09 -11.22
N GLU B 235 -5.62 4.97 -12.22
CA GLU B 235 -4.58 5.94 -12.60
C GLU B 235 -4.24 6.81 -11.40
N LYS B 236 -5.27 7.37 -10.76
CA LYS B 236 -5.18 8.24 -9.60
C LYS B 236 -4.34 7.55 -8.54
N ARG B 237 -4.75 6.35 -8.16
CA ARG B 237 -4.09 5.54 -7.14
C ARG B 237 -2.66 5.19 -7.46
N ILE B 238 -2.39 4.84 -8.74
CA ILE B 238 -1.07 4.44 -9.24
C ILE B 238 -0.12 5.62 -9.22
N LEU B 239 -0.58 6.77 -9.68
CA LEU B 239 0.20 8.00 -9.71
C LEU B 239 0.60 8.47 -8.32
N GLU B 240 -0.20 8.15 -7.25
CA GLU B 240 0.12 8.59 -5.89
C GLU B 240 0.97 7.54 -5.15
N LYS B 241 0.87 6.26 -5.53
CA LYS B 241 1.69 5.21 -4.89
C LYS B 241 3.17 5.32 -5.35
N VAL B 242 3.38 5.65 -6.63
CA VAL B 242 4.70 5.77 -7.23
C VAL B 242 5.34 7.12 -6.88
N GLN B 243 6.57 7.06 -6.39
CA GLN B 243 7.44 8.16 -6.03
C GLN B 243 8.72 7.85 -6.83
N SER B 244 8.80 8.41 -8.05
CA SER B 244 9.88 8.21 -9.01
C SER B 244 10.21 9.51 -9.78
N ARG B 245 11.47 9.72 -10.15
CA ARG B 245 11.87 10.89 -10.95
C ARG B 245 11.52 10.59 -12.44
N PHE B 246 11.28 9.30 -12.74
CA PHE B 246 11.04 8.84 -14.10
C PHE B 246 9.59 8.43 -14.39
N VAL B 247 8.66 8.78 -13.50
CA VAL B 247 7.21 8.50 -13.66
C VAL B 247 6.50 9.81 -13.37
N VAL B 248 5.51 10.17 -14.21
CA VAL B 248 4.75 11.43 -14.04
C VAL B 248 4.13 11.43 -12.64
N SER B 249 4.31 12.54 -11.90
CA SER B 249 3.85 12.70 -10.52
C SER B 249 2.54 13.45 -10.35
N LEU B 250 1.65 12.91 -9.52
CA LEU B 250 0.38 13.54 -9.21
C LEU B 250 0.60 14.43 -7.97
N ALA B 251 0.32 15.74 -8.10
CA ALA B 251 0.50 16.69 -7.01
C ALA B 251 -0.83 17.01 -6.34
N TYR B 252 -1.91 17.03 -7.11
CA TYR B 252 -3.27 17.32 -6.65
C TYR B 252 -4.34 16.59 -7.45
N ALA B 253 -5.55 16.59 -6.90
CA ALA B 253 -6.77 16.04 -7.47
C ALA B 253 -7.94 16.89 -6.94
N TYR B 254 -8.88 17.24 -7.81
CA TYR B 254 -10.06 18.02 -7.49
C TYR B 254 -11.22 17.68 -8.41
N GLU B 255 -12.41 18.14 -8.05
CA GLU B 255 -13.66 17.90 -8.73
C GLU B 255 -14.32 19.22 -9.05
N THR B 256 -14.97 19.30 -10.22
CA THR B 256 -15.75 20.44 -10.68
C THR B 256 -17.11 19.85 -11.07
N LYS B 257 -18.08 20.69 -11.48
CA LYS B 257 -19.40 20.16 -11.89
C LYS B 257 -19.27 19.24 -13.12
N ASP B 258 -18.26 19.49 -13.97
CA ASP B 258 -18.02 18.78 -15.22
C ASP B 258 -16.94 17.72 -15.22
N ALA B 259 -15.89 17.92 -14.41
CA ALA B 259 -14.76 16.99 -14.44
C ALA B 259 -14.12 16.63 -13.10
N LEU B 260 -13.25 15.59 -13.16
CA LEU B 260 -12.37 15.03 -12.13
C LEU B 260 -11.00 15.43 -12.66
N CYS B 261 -10.27 16.29 -11.98
CA CYS B 261 -8.98 16.79 -12.47
C CYS B 261 -7.76 16.32 -11.70
N LEU B 262 -6.75 15.89 -12.48
CA LEU B 262 -5.47 15.42 -11.99
C LEU B 262 -4.44 16.50 -12.33
N VAL B 263 -3.73 17.02 -11.31
CA VAL B 263 -2.69 18.03 -11.46
C VAL B 263 -1.34 17.29 -11.44
N LEU B 264 -0.73 17.14 -12.62
CA LEU B 264 0.48 16.38 -12.88
C LEU B 264 1.73 17.17 -13.21
N THR B 265 2.93 16.51 -13.21
CA THR B 265 4.25 17.06 -13.59
C THR B 265 4.14 17.57 -15.03
N ILE B 266 4.54 18.83 -15.28
CA ILE B 266 4.50 19.40 -16.62
C ILE B 266 5.73 18.91 -17.44
N MET B 267 5.47 18.36 -18.62
CA MET B 267 6.51 17.84 -19.50
C MET B 267 6.44 18.58 -20.84
N ASN B 268 7.08 19.77 -20.94
CA ASN B 268 7.00 20.49 -22.22
C ASN B 268 8.28 20.34 -23.06
N GLY B 269 8.56 19.10 -23.42
CA GLY B 269 9.69 18.72 -24.25
C GLY B 269 9.21 17.81 -25.36
N GLY B 270 7.90 17.51 -25.38
CA GLY B 270 7.23 16.62 -26.33
C GLY B 270 7.38 15.13 -26.04
N ASP B 271 6.61 14.28 -26.73
CA ASP B 271 6.73 12.84 -26.51
C ASP B 271 7.89 12.24 -27.32
N LEU B 272 8.25 10.97 -27.08
CA LEU B 272 9.35 10.37 -27.83
C LEU B 272 8.96 10.12 -29.27
N LYS B 273 7.66 9.89 -29.56
CA LYS B 273 7.14 9.68 -30.91
C LYS B 273 7.43 10.94 -31.76
N PHE B 274 7.30 12.15 -31.15
CA PHE B 274 7.59 13.42 -31.81
C PHE B 274 9.09 13.51 -32.18
N HIS B 275 9.98 13.12 -31.25
CA HIS B 275 11.43 13.15 -31.42
C HIS B 275 12.02 12.07 -32.35
N ILE B 276 11.31 10.95 -32.52
CA ILE B 276 11.78 9.87 -33.38
C ILE B 276 11.32 10.13 -34.82
N TYR B 277 10.09 10.65 -35.01
CA TYR B 277 9.55 10.87 -36.34
C TYR B 277 9.56 12.32 -36.82
N ASN B 278 8.88 13.25 -36.13
CA ASN B 278 8.84 14.65 -36.55
C ASN B 278 10.22 15.35 -36.57
N LEU B 279 11.11 15.02 -35.62
CA LEU B 279 12.45 15.61 -35.52
C LEU B 279 13.57 14.63 -35.84
N GLY B 280 13.21 13.37 -36.05
CA GLY B 280 14.16 12.30 -36.35
C GLY B 280 14.41 12.03 -37.82
N ASN B 281 15.44 11.21 -38.07
CA ASN B 281 15.90 10.76 -39.37
C ASN B 281 14.83 10.02 -40.22
N PRO B 282 13.86 9.18 -39.72
CA PRO B 282 13.51 8.75 -38.34
C PRO B 282 14.59 8.02 -37.53
N GLY B 283 14.60 8.31 -36.23
CA GLY B 283 15.54 7.75 -35.26
C GLY B 283 16.53 8.81 -34.81
N PHE B 284 17.35 8.51 -33.78
CA PHE B 284 18.36 9.45 -33.29
C PHE B 284 19.62 8.72 -32.80
N ASP B 285 20.70 9.45 -32.45
CA ASP B 285 21.97 8.82 -32.05
C ASP B 285 21.87 7.90 -30.83
N GLU B 286 22.51 6.72 -30.94
CA GLU B 286 22.58 5.67 -29.93
C GLU B 286 22.68 6.24 -28.49
N GLN B 287 23.65 7.16 -28.24
CA GLN B 287 23.90 7.84 -26.97
C GLN B 287 22.63 8.39 -26.29
N ARG B 288 21.67 8.88 -27.09
CA ARG B 288 20.38 9.40 -26.61
C ARG B 288 19.51 8.21 -26.20
N ALA B 289 19.27 7.26 -27.14
CA ALA B 289 18.50 6.03 -26.89
C ALA B 289 18.97 5.38 -25.60
N VAL B 290 20.29 5.16 -25.44
CA VAL B 290 20.92 4.54 -24.26
C VAL B 290 20.58 5.32 -22.97
N PHE B 291 20.69 6.66 -23.01
CA PHE B 291 20.36 7.54 -21.88
C PHE B 291 18.88 7.43 -21.48
N TYR B 292 17.99 7.43 -22.50
CA TYR B 292 16.55 7.32 -22.31
C TYR B 292 16.18 5.95 -21.77
N ALA B 293 16.88 4.89 -22.22
CA ALA B 293 16.65 3.52 -21.78
C ALA B 293 17.14 3.35 -20.34
N ALA B 294 18.19 4.06 -19.98
CA ALA B 294 18.74 4.01 -18.63
C ALA B 294 17.69 4.57 -17.69
N GLU B 295 17.13 5.73 -18.04
CA GLU B 295 16.08 6.39 -17.25
C GLU B 295 14.80 5.55 -17.19
N LEU B 296 14.41 4.91 -18.32
CA LEU B 296 13.24 4.03 -18.40
C LEU B 296 13.39 2.81 -17.48
N CYS B 297 14.65 2.34 -17.29
CA CYS B 297 15.06 1.22 -16.43
C CYS B 297 14.79 1.54 -14.99
N CYS B 298 15.14 2.77 -14.59
CA CYS B 298 14.95 3.25 -13.22
C CYS B 298 13.48 3.44 -12.92
N GLY B 299 12.74 3.93 -13.91
CA GLY B 299 11.30 4.14 -13.83
C GLY B 299 10.57 2.83 -13.64
N LEU B 300 10.98 1.79 -14.41
CA LEU B 300 10.43 0.44 -14.34
C LEU B 300 10.75 -0.24 -13.01
N GLU B 301 11.96 0.02 -12.46
CA GLU B 301 12.39 -0.50 -11.16
C GLU B 301 11.57 0.13 -10.05
N ASP B 302 11.25 1.43 -10.20
CA ASP B 302 10.46 2.22 -9.25
C ASP B 302 9.03 1.69 -9.24
N LEU B 303 8.49 1.41 -10.44
CA LEU B 303 7.16 0.83 -10.59
C LEU B 303 7.12 -0.61 -10.00
N GLN B 304 8.18 -1.41 -10.27
CA GLN B 304 8.26 -2.79 -9.83
C GLN B 304 8.52 -2.94 -8.35
N ARG B 305 9.04 -1.89 -7.71
CA ARG B 305 9.24 -1.88 -6.26
C ARG B 305 7.84 -1.80 -5.62
N GLU B 306 6.88 -1.18 -6.37
CA GLU B 306 5.49 -1.04 -5.95
C GLU B 306 4.60 -2.14 -6.50
N ARG B 307 5.24 -3.16 -7.13
CA ARG B 307 4.63 -4.34 -7.77
C ARG B 307 3.63 -3.94 -8.87
N ILE B 308 3.97 -2.87 -9.63
CA ILE B 308 3.14 -2.37 -10.73
C ILE B 308 3.69 -2.79 -12.10
N VAL B 309 2.81 -3.34 -13.00
CA VAL B 309 3.16 -3.66 -14.39
C VAL B 309 2.51 -2.54 -15.21
N TYR B 310 3.31 -1.79 -15.98
CA TYR B 310 2.87 -0.64 -16.75
C TYR B 310 1.93 -1.01 -17.89
N ARG B 311 2.24 -2.05 -18.67
CA ARG B 311 1.42 -2.61 -19.76
C ARG B 311 1.36 -1.84 -21.10
N ASP B 312 1.75 -0.55 -21.16
CA ASP B 312 1.62 0.17 -22.42
C ASP B 312 2.85 0.97 -22.84
N LEU B 313 4.04 0.35 -22.71
CA LEU B 313 5.29 1.01 -23.09
C LEU B 313 5.26 1.23 -24.62
N LYS B 314 5.31 2.51 -25.04
CA LYS B 314 5.28 3.00 -26.43
C LYS B 314 5.84 4.44 -26.49
N PRO B 315 6.45 4.92 -27.63
CA PRO B 315 7.06 6.27 -27.63
C PRO B 315 6.15 7.44 -27.29
N GLU B 316 4.91 7.38 -27.75
CA GLU B 316 3.84 8.36 -27.52
C GLU B 316 3.61 8.59 -25.97
N ASN B 317 3.85 7.54 -25.14
CA ASN B 317 3.69 7.53 -23.69
C ASN B 317 4.92 8.02 -22.91
N ILE B 318 6.06 8.22 -23.60
CA ILE B 318 7.23 8.76 -22.92
C ILE B 318 7.30 10.23 -23.28
N LEU B 319 7.35 11.10 -22.27
CA LEU B 319 7.40 12.54 -22.44
C LEU B 319 8.75 13.06 -21.95
N LEU B 320 9.17 14.21 -22.51
CA LEU B 320 10.42 14.90 -22.16
C LEU B 320 10.09 16.16 -21.41
N ASP B 321 10.96 16.54 -20.46
CA ASP B 321 10.80 17.78 -19.71
C ASP B 321 11.70 18.87 -20.36
N ASP B 322 11.72 20.08 -19.77
CA ASP B 322 12.53 21.21 -20.23
C ASP B 322 14.05 20.92 -20.16
N ARG B 323 14.47 20.08 -19.18
CA ARG B 323 15.88 19.71 -18.97
C ARG B 323 16.39 18.60 -19.91
N GLY B 324 15.46 17.85 -20.52
CA GLY B 324 15.80 16.76 -21.42
C GLY B 324 15.70 15.39 -20.75
N HIS B 325 15.07 15.35 -19.55
CA HIS B 325 14.83 14.14 -18.78
C HIS B 325 13.44 13.62 -19.13
N ILE B 326 13.27 12.29 -19.06
CA ILE B 326 12.00 11.64 -19.42
C ILE B 326 11.25 11.10 -18.19
N ARG B 327 9.95 10.83 -18.39
CA ARG B 327 9.02 10.25 -17.44
C ARG B 327 7.99 9.43 -18.20
N ILE B 328 7.65 8.24 -17.65
CA ILE B 328 6.60 7.37 -18.18
C ILE B 328 5.31 8.11 -17.82
N SER B 329 4.35 8.21 -18.77
CA SER B 329 3.06 8.87 -18.54
C SER B 329 1.97 7.89 -19.00
N ASP B 330 0.65 8.22 -18.89
CA ASP B 330 -0.45 7.33 -19.32
C ASP B 330 -0.49 6.00 -18.53
N LEU B 331 -0.80 6.12 -17.25
CA LEU B 331 -0.82 4.99 -16.33
C LEU B 331 -2.19 4.36 -16.17
N GLY B 332 -3.01 4.46 -17.22
CA GLY B 332 -4.37 3.94 -17.26
C GLY B 332 -4.44 2.44 -17.18
N LEU B 333 -3.58 1.77 -17.98
CA LEU B 333 -3.49 0.32 -18.07
C LEU B 333 -2.63 -0.34 -16.98
N ALA B 334 -1.75 0.44 -16.31
CA ALA B 334 -0.84 -0.02 -15.24
C ALA B 334 -1.65 -0.69 -14.13
N THR B 335 -1.18 -1.84 -13.65
CA THR B 335 -1.92 -2.54 -12.64
C THR B 335 -0.95 -3.05 -11.56
N GLU B 336 -1.40 -3.00 -10.30
CA GLU B 336 -0.64 -3.46 -9.14
C GLU B 336 -0.89 -4.95 -9.01
N ILE B 337 0.18 -5.73 -8.93
CA ILE B 337 0.02 -7.19 -8.80
C ILE B 337 0.31 -7.62 -7.39
N PRO B 338 -0.70 -8.12 -6.62
CA PRO B 338 -0.40 -8.59 -5.25
C PRO B 338 0.58 -9.74 -5.24
N GLU B 339 1.29 -9.91 -4.11
CA GLU B 339 2.25 -11.02 -3.97
C GLU B 339 1.48 -12.37 -4.09
N GLY B 340 2.07 -13.31 -4.84
CA GLY B 340 1.50 -14.64 -5.10
C GLY B 340 0.42 -14.67 -6.17
N GLN B 341 0.38 -13.62 -7.02
CA GLN B 341 -0.63 -13.47 -8.08
C GLN B 341 -0.08 -13.08 -9.43
N ARG B 342 -0.86 -13.35 -10.47
CA ARG B 342 -0.52 -13.06 -11.87
C ARG B 342 -1.71 -12.38 -12.56
N VAL B 343 -1.44 -11.65 -13.64
CA VAL B 343 -2.48 -11.03 -14.46
C VAL B 343 -2.45 -11.76 -15.84
N ARG B 344 -3.43 -11.48 -16.68
CA ARG B 344 -3.55 -12.00 -18.04
C ARG B 344 -4.14 -10.87 -18.92
N GLY B 345 -4.45 -11.19 -20.17
CA GLY B 345 -5.07 -10.27 -21.10
C GLY B 345 -4.26 -9.74 -22.25
N ARG B 346 -4.93 -9.59 -23.41
CA ARG B 346 -4.36 -9.00 -24.61
C ARG B 346 -4.77 -7.55 -24.49
N VAL B 347 -3.86 -6.76 -23.88
CA VAL B 347 -4.06 -5.34 -23.62
C VAL B 347 -2.79 -4.62 -23.98
N GLY B 348 -2.94 -3.36 -24.34
CA GLY B 348 -1.83 -2.52 -24.74
C GLY B 348 -2.11 -1.92 -26.09
N THR B 349 -1.06 -1.72 -26.86
CA THR B 349 -1.13 -1.16 -28.19
C THR B 349 -0.60 -2.17 -29.19
N VAL B 350 -1.36 -2.32 -30.29
CA VAL B 350 -1.05 -3.23 -31.39
C VAL B 350 0.35 -2.91 -31.88
N GLY B 351 1.22 -3.90 -31.79
CA GLY B 351 2.61 -3.78 -32.21
C GLY B 351 3.59 -3.74 -31.04
N TYR B 352 3.09 -3.39 -29.84
CA TYR B 352 3.94 -3.27 -28.65
C TYR B 352 3.74 -4.40 -27.63
N MET B 353 2.69 -5.19 -27.81
CA MET B 353 2.35 -6.31 -26.94
C MET B 353 3.34 -7.48 -27.02
N ALA B 354 3.74 -8.01 -25.85
CA ALA B 354 4.67 -9.13 -25.68
C ALA B 354 4.00 -10.43 -26.11
N PRO B 355 4.77 -11.47 -26.52
CA PRO B 355 4.14 -12.75 -26.92
C PRO B 355 3.14 -13.29 -25.90
N GLU B 356 3.49 -13.31 -24.58
CA GLU B 356 2.58 -13.79 -23.50
C GLU B 356 1.31 -12.94 -23.45
N VAL B 357 1.43 -11.65 -23.79
CA VAL B 357 0.29 -10.73 -23.82
C VAL B 357 -0.65 -11.09 -24.97
N VAL B 358 -0.10 -11.29 -26.22
CA VAL B 358 -0.93 -11.66 -27.38
C VAL B 358 -1.53 -13.09 -27.21
N ASN B 359 -0.79 -14.01 -26.54
CA ASN B 359 -1.28 -15.37 -26.28
C ASN B 359 -2.28 -15.46 -25.12
N ASN B 360 -2.57 -14.31 -24.44
CA ASN B 360 -3.48 -14.23 -23.28
C ASN B 360 -3.01 -15.23 -22.19
N GLU B 361 -1.70 -15.18 -21.88
CA GLU B 361 -1.08 -16.03 -20.87
C GLU B 361 -1.14 -15.31 -19.53
N LYS B 362 -0.78 -16.00 -18.45
CA LYS B 362 -0.73 -15.46 -17.11
C LYS B 362 0.73 -15.05 -16.94
N TYR B 363 0.94 -13.80 -16.55
CA TYR B 363 2.26 -13.18 -16.40
C TYR B 363 2.27 -12.13 -15.29
N THR B 364 3.44 -11.53 -15.08
CA THR B 364 3.61 -10.47 -14.11
C THR B 364 4.26 -9.25 -14.77
N PHE B 365 5.57 -9.01 -14.53
CA PHE B 365 6.30 -7.81 -14.99
C PHE B 365 7.01 -7.95 -16.35
N SER B 366 7.07 -9.20 -16.92
CA SER B 366 7.70 -9.54 -18.20
C SER B 366 7.27 -8.63 -19.36
N PRO B 367 5.98 -8.24 -19.54
CA PRO B 367 5.63 -7.33 -20.67
C PRO B 367 6.39 -6.00 -20.72
N ASP B 368 6.78 -5.44 -19.57
CA ASP B 368 7.49 -4.17 -19.49
C ASP B 368 8.91 -4.27 -20.01
N TRP B 369 9.60 -5.38 -19.71
CA TRP B 369 10.97 -5.60 -20.19
C TRP B 369 11.00 -5.72 -21.71
N TRP B 370 10.00 -6.43 -22.29
CA TRP B 370 9.78 -6.57 -23.72
C TRP B 370 9.59 -5.13 -24.29
N GLY B 371 8.67 -4.37 -23.67
CA GLY B 371 8.34 -2.99 -24.02
C GLY B 371 9.55 -2.08 -24.12
N LEU B 372 10.53 -2.27 -23.22
CA LEU B 372 11.77 -1.51 -23.22
C LEU B 372 12.59 -1.86 -24.49
N GLY B 373 12.60 -3.14 -24.87
CA GLY B 373 13.29 -3.65 -26.05
C GLY B 373 12.75 -3.02 -27.30
N CYS B 374 11.41 -2.87 -27.37
CA CYS B 374 10.68 -2.23 -28.45
C CYS B 374 11.08 -0.77 -28.57
N LEU B 375 11.20 -0.06 -27.43
CA LEU B 375 11.54 1.36 -27.35
C LEU B 375 12.94 1.63 -27.84
N ILE B 376 13.94 0.87 -27.34
CA ILE B 376 15.35 1.03 -27.74
C ILE B 376 15.46 0.83 -29.26
N TYR B 377 14.79 -0.21 -29.81
CA TYR B 377 14.78 -0.53 -31.24
C TYR B 377 14.23 0.66 -32.01
N GLU B 378 12.97 1.04 -31.75
CA GLU B 378 12.25 2.16 -32.38
C GLU B 378 13.06 3.47 -32.34
N MET B 379 13.77 3.71 -31.21
CA MET B 379 14.59 4.91 -31.03
C MET B 379 15.79 4.96 -31.99
N ILE B 380 16.44 3.78 -32.20
CA ILE B 380 17.62 3.59 -33.03
C ILE B 380 17.23 3.39 -34.51
N GLN B 381 16.44 2.34 -34.83
CA GLN B 381 16.00 2.02 -36.18
C GLN B 381 15.16 3.16 -36.80
N GLY B 382 13.92 3.35 -36.35
CA GLY B 382 13.04 4.40 -36.85
C GLY B 382 11.65 3.89 -37.15
N HIS B 383 11.29 2.75 -36.53
CA HIS B 383 10.01 2.04 -36.61
C HIS B 383 9.97 0.88 -35.60
N SER B 384 8.79 0.51 -35.08
CA SER B 384 8.64 -0.60 -34.12
C SER B 384 9.21 -1.94 -34.68
N PRO B 385 9.75 -2.87 -33.84
CA PRO B 385 10.33 -4.11 -34.38
C PRO B 385 9.46 -5.02 -35.24
N PHE B 386 8.12 -4.97 -35.10
CA PHE B 386 7.25 -5.86 -35.86
C PHE B 386 6.22 -5.13 -36.72
N LYS B 387 6.41 -3.81 -36.91
CA LYS B 387 5.53 -2.96 -37.72
C LYS B 387 6.35 -1.78 -38.24
N LYS B 388 6.34 -1.57 -39.57
CA LYS B 388 7.08 -0.47 -40.19
C LYS B 388 6.30 0.83 -39.92
N TYR B 389 6.97 2.00 -40.05
CA TYR B 389 6.28 3.28 -39.83
C TYR B 389 5.24 3.44 -40.95
N LYS B 390 4.00 3.83 -40.56
CA LYS B 390 2.83 4.03 -41.44
C LYS B 390 2.13 2.71 -41.83
N GLU B 391 2.90 1.59 -41.98
CA GLU B 391 2.49 0.24 -42.39
C GLU B 391 1.04 -0.10 -42.12
N LYS B 392 0.34 -0.50 -43.17
CA LYS B 392 -1.04 -0.88 -43.05
C LYS B 392 -1.06 -2.40 -42.91
N VAL B 393 -1.19 -2.86 -41.66
CA VAL B 393 -1.24 -4.27 -41.29
C VAL B 393 -2.41 -4.46 -40.38
N LYS B 394 -3.11 -5.60 -40.51
CA LYS B 394 -4.23 -6.00 -39.64
C LYS B 394 -3.58 -6.40 -38.27
N TRP B 395 -4.32 -6.21 -37.15
CA TRP B 395 -3.77 -6.56 -35.82
C TRP B 395 -3.39 -8.04 -35.77
N GLU B 396 -4.28 -8.88 -36.32
CA GLU B 396 -4.23 -10.33 -36.39
C GLU B 396 -2.92 -10.81 -36.96
N GLU B 397 -2.31 -10.04 -37.87
CA GLU B 397 -1.01 -10.39 -38.44
C GLU B 397 0.13 -9.86 -37.62
N VAL B 398 0.02 -8.64 -37.06
CA VAL B 398 1.10 -8.10 -36.23
C VAL B 398 1.35 -9.06 -35.03
N ASP B 399 0.26 -9.65 -34.48
CA ASP B 399 0.35 -10.63 -33.38
C ASP B 399 1.18 -11.88 -33.78
N GLN B 400 1.05 -12.34 -35.04
CA GLN B 400 1.80 -13.50 -35.51
C GLN B 400 3.26 -13.19 -35.67
N ARG B 401 3.55 -11.93 -36.06
CA ARG B 401 4.93 -11.46 -36.21
C ARG B 401 5.62 -11.41 -34.84
N ILE B 402 4.86 -10.99 -33.79
CA ILE B 402 5.34 -10.88 -32.41
C ILE B 402 5.63 -12.28 -31.91
N LYS B 403 4.70 -13.22 -32.15
CA LYS B 403 4.81 -14.61 -31.77
C LYS B 403 5.95 -15.38 -32.49
N ASN B 404 6.14 -15.15 -33.82
CA ASN B 404 7.10 -15.92 -34.63
C ASN B 404 8.22 -15.17 -35.34
N ASP B 405 7.92 -14.08 -36.03
CA ASP B 405 8.95 -13.34 -36.80
C ASP B 405 10.04 -12.74 -35.90
N THR B 406 11.29 -12.75 -36.39
CA THR B 406 12.47 -12.23 -35.71
C THR B 406 12.63 -10.77 -36.15
N GLU B 407 13.37 -9.96 -35.39
CA GLU B 407 13.60 -8.55 -35.72
C GLU B 407 14.98 -8.37 -36.35
N GLU B 408 15.03 -7.70 -37.52
CA GLU B 408 16.28 -7.46 -38.25
C GLU B 408 16.90 -6.12 -37.86
N TYR B 409 18.21 -6.13 -37.64
CA TYR B 409 18.97 -4.94 -37.25
C TYR B 409 19.73 -4.32 -38.43
N SER B 410 20.50 -3.25 -38.15
CA SER B 410 21.31 -2.52 -39.14
C SER B 410 22.57 -2.02 -38.42
N GLU B 411 23.47 -1.27 -39.09
CA GLU B 411 24.65 -0.77 -38.40
C GLU B 411 24.40 0.62 -37.74
N LYS B 412 23.12 0.87 -37.38
CA LYS B 412 22.64 2.06 -36.67
C LYS B 412 22.89 1.72 -35.19
N PHE B 413 22.75 0.41 -34.87
CA PHE B 413 22.93 -0.23 -33.56
C PHE B 413 24.37 -0.71 -33.39
N SER B 414 24.97 -0.42 -32.23
CA SER B 414 26.32 -0.90 -31.92
C SER B 414 26.17 -2.39 -31.57
N GLU B 415 27.29 -3.14 -31.45
CA GLU B 415 27.17 -4.56 -31.13
C GLU B 415 26.53 -4.80 -29.77
N ASP B 416 26.74 -3.85 -28.82
CA ASP B 416 26.14 -3.89 -27.49
C ASP B 416 24.62 -3.58 -27.56
N ALA B 417 24.21 -2.57 -28.37
CA ALA B 417 22.80 -2.18 -28.56
C ALA B 417 22.00 -3.31 -29.21
N LYS B 418 22.64 -4.09 -30.08
CA LYS B 418 22.03 -5.25 -30.75
C LYS B 418 21.80 -6.36 -29.69
N SER B 419 22.68 -6.45 -28.68
CA SER B 419 22.60 -7.44 -27.60
C SER B 419 21.47 -7.17 -26.59
N ILE B 420 21.32 -5.91 -26.09
CA ILE B 420 20.26 -5.58 -25.14
C ILE B 420 18.88 -5.75 -25.81
N CYS B 421 18.77 -5.35 -27.08
CA CYS B 421 17.51 -5.50 -27.81
C CYS B 421 17.13 -6.95 -28.02
N ARG B 422 18.11 -7.78 -28.43
CA ARG B 422 17.92 -9.22 -28.67
C ARG B 422 17.48 -9.94 -27.39
N MET B 423 18.07 -9.55 -26.24
CA MET B 423 17.81 -10.10 -24.91
C MET B 423 16.43 -9.70 -24.37
N LEU B 424 15.99 -8.47 -24.67
CA LEU B 424 14.71 -7.96 -24.22
C LEU B 424 13.59 -8.42 -25.13
N LEU B 425 13.92 -8.69 -26.43
CA LEU B 425 12.91 -9.12 -27.38
C LEU B 425 12.87 -10.62 -27.52
N THR B 426 13.32 -11.38 -26.47
CA THR B 426 13.23 -12.85 -26.50
C THR B 426 11.77 -13.16 -26.26
N LYS B 427 11.21 -14.02 -27.12
CA LYS B 427 9.80 -14.45 -27.10
C LYS B 427 9.39 -15.09 -25.77
N ASN B 428 10.23 -15.97 -25.24
CA ASN B 428 9.97 -16.68 -23.98
C ASN B 428 10.30 -15.74 -22.82
N PRO B 429 9.28 -15.38 -22.01
CA PRO B 429 9.52 -14.44 -20.91
C PRO B 429 10.51 -14.93 -19.86
N SER B 430 10.51 -16.24 -19.55
CA SER B 430 11.40 -16.81 -18.55
C SER B 430 12.87 -16.82 -18.95
N LYS B 431 13.18 -16.50 -20.23
CA LYS B 431 14.54 -16.44 -20.76
C LYS B 431 14.94 -14.99 -21.12
N ARG B 432 14.01 -14.04 -20.88
CA ARG B 432 14.14 -12.61 -21.16
C ARG B 432 14.91 -11.87 -20.09
N LEU B 433 15.69 -10.89 -20.54
CA LEU B 433 16.46 -10.01 -19.70
C LEU B 433 15.49 -9.18 -18.80
N GLY B 434 15.67 -9.29 -17.48
CA GLY B 434 14.87 -8.64 -16.46
C GLY B 434 13.79 -9.50 -15.84
N CYS B 435 13.50 -10.65 -16.47
CA CYS B 435 12.45 -11.60 -16.05
C CYS B 435 13.00 -12.91 -15.46
N ARG B 436 14.33 -13.04 -15.36
CA ARG B 436 15.00 -14.24 -14.85
C ARG B 436 15.37 -14.13 -13.36
N GLY B 437 14.86 -13.09 -12.71
CA GLY B 437 15.09 -12.87 -11.29
C GLY B 437 16.00 -11.72 -10.96
N GLU B 438 16.79 -11.27 -11.92
CA GLU B 438 17.74 -10.14 -11.76
C GLU B 438 17.05 -8.78 -11.67
N GLY B 439 15.86 -8.67 -12.25
CA GLY B 439 15.05 -7.46 -12.30
C GLY B 439 15.75 -6.33 -13.05
N ALA B 440 15.44 -5.07 -12.68
CA ALA B 440 16.05 -3.90 -13.30
C ALA B 440 17.48 -3.78 -12.93
N ALA B 441 17.83 -4.21 -11.71
CA ALA B 441 19.20 -4.21 -11.16
C ALA B 441 20.16 -4.93 -12.14
N GLY B 442 19.68 -6.02 -12.73
CA GLY B 442 20.43 -6.81 -13.69
C GLY B 442 20.48 -6.16 -15.04
N VAL B 443 19.31 -5.67 -15.54
CA VAL B 443 19.18 -4.99 -16.83
C VAL B 443 20.15 -3.80 -16.91
N LYS B 444 20.38 -3.13 -15.76
CA LYS B 444 21.26 -1.98 -15.61
C LYS B 444 22.72 -2.38 -15.79
N GLN B 445 23.09 -3.61 -15.38
CA GLN B 445 24.44 -4.18 -15.50
C GLN B 445 24.87 -4.56 -16.95
N HIS B 446 23.95 -4.39 -17.94
CA HIS B 446 24.25 -4.71 -19.33
C HIS B 446 25.37 -3.79 -19.85
N PRO B 447 26.30 -4.34 -20.67
CA PRO B 447 27.41 -3.50 -21.20
C PRO B 447 27.00 -2.23 -21.93
N VAL B 448 25.74 -2.07 -22.43
CA VAL B 448 25.33 -0.80 -23.09
C VAL B 448 25.46 0.39 -22.12
N PHE B 449 25.10 0.19 -20.84
CA PHE B 449 25.13 1.21 -19.80
C PHE B 449 26.48 1.25 -19.08
N LYS B 450 27.57 1.00 -19.84
CA LYS B 450 28.96 0.98 -19.34
C LYS B 450 29.37 2.35 -18.79
N ASP B 451 29.19 3.40 -19.62
CA ASP B 451 29.52 4.80 -19.32
C ASP B 451 28.56 5.51 -18.30
N ILE B 452 27.42 4.88 -17.94
CA ILE B 452 26.39 5.42 -17.04
C ILE B 452 26.53 5.03 -15.54
N ASN B 453 26.55 6.04 -14.64
CA ASN B 453 26.61 5.86 -13.19
C ASN B 453 25.15 5.94 -12.70
N PHE B 454 24.51 4.77 -12.54
CA PHE B 454 23.10 4.70 -12.14
C PHE B 454 22.78 5.44 -10.85
N ARG B 455 23.66 5.40 -9.83
CA ARG B 455 23.46 6.11 -8.56
C ARG B 455 23.35 7.63 -8.80
N ARG B 456 24.15 8.18 -9.74
CA ARG B 456 24.15 9.59 -10.13
C ARG B 456 22.87 9.91 -10.93
N LEU B 457 22.54 9.05 -11.91
CA LEU B 457 21.33 9.16 -12.75
C LEU B 457 20.08 9.17 -11.83
N GLU B 458 19.96 8.18 -10.92
CA GLU B 458 18.87 8.07 -9.94
C GLU B 458 18.81 9.30 -9.01
N ALA B 459 19.94 10.03 -8.87
CA ALA B 459 20.03 11.20 -8.01
C ALA B 459 19.93 12.51 -8.80
N ASN B 460 19.59 12.44 -10.12
CA ASN B 460 19.46 13.62 -11.00
C ASN B 460 20.81 14.40 -11.12
N MET B 461 21.94 13.68 -11.12
CA MET B 461 23.27 14.32 -11.20
C MET B 461 23.94 14.18 -12.55
N LEU B 462 23.25 13.55 -13.50
CA LEU B 462 23.74 13.36 -14.86
C LEU B 462 23.00 14.20 -15.87
N GLU B 463 23.77 14.95 -16.65
CA GLU B 463 23.27 15.83 -17.69
C GLU B 463 22.83 14.98 -18.90
N PRO B 464 21.65 15.27 -19.51
CA PRO B 464 21.21 14.50 -20.68
C PRO B 464 22.04 14.86 -21.92
N PRO B 465 22.14 13.99 -22.95
CA PRO B 465 22.95 14.34 -24.15
C PRO B 465 22.30 15.47 -24.94
N PHE B 466 20.97 15.40 -25.12
CA PHE B 466 20.15 16.35 -25.84
C PHE B 466 19.32 17.17 -24.84
N CYS B 467 18.89 18.36 -25.28
CA CYS B 467 18.07 19.27 -24.50
C CYS B 467 17.00 19.85 -25.44
N PRO B 468 15.70 19.82 -25.05
CA PRO B 468 14.67 20.36 -25.95
C PRO B 468 14.83 21.85 -26.17
N ASP B 469 14.47 22.26 -27.39
CA ASP B 469 14.56 23.63 -27.87
C ASP B 469 13.44 24.53 -27.35
N PRO B 470 13.81 25.57 -26.53
CA PRO B 470 12.80 26.53 -26.07
C PRO B 470 12.23 27.30 -27.28
N HIS B 471 11.08 28.00 -27.11
CA HIS B 471 10.32 28.74 -28.14
C HIS B 471 9.61 27.71 -29.06
N ALA B 472 10.39 26.74 -29.63
CA ALA B 472 9.97 25.66 -30.54
C ALA B 472 8.86 24.77 -30.00
N VAL B 473 7.85 24.49 -30.87
CA VAL B 473 6.69 23.65 -30.57
C VAL B 473 7.10 22.19 -30.55
N TYR B 474 6.48 21.40 -29.66
CA TYR B 474 6.80 19.97 -29.50
C TYR B 474 5.59 19.04 -29.64
N CYS B 475 4.49 19.53 -30.26
CA CYS B 475 3.26 18.78 -30.50
C CYS B 475 2.45 19.35 -31.65
N GLY B 489 -25.87 14.16 -25.40
CA GLY B 489 -26.65 12.93 -25.28
C GLY B 489 -26.53 12.18 -23.95
N ILE B 490 -25.38 12.32 -23.25
CA ILE B 490 -25.07 11.69 -21.95
C ILE B 490 -25.66 12.53 -20.80
N TYR B 491 -26.40 11.89 -19.88
CA TYR B 491 -26.98 12.57 -18.73
C TYR B 491 -26.48 11.91 -17.45
N LEU B 492 -25.87 12.70 -16.56
CA LEU B 492 -25.30 12.25 -15.30
C LEU B 492 -26.39 11.90 -14.29
N ASP B 493 -26.34 10.67 -13.77
CA ASP B 493 -27.31 10.13 -12.80
C ASP B 493 -26.69 9.91 -11.42
N THR B 494 -27.41 9.14 -10.58
CA THR B 494 -27.03 8.80 -9.21
C THR B 494 -25.92 7.74 -9.16
N ALA B 495 -25.83 6.83 -10.16
CA ALA B 495 -24.78 5.80 -10.19
C ALA B 495 -23.40 6.44 -10.42
N ASP B 496 -23.39 7.63 -11.08
CA ASP B 496 -22.21 8.44 -11.37
C ASP B 496 -21.79 9.11 -10.09
N GLU B 497 -22.76 9.58 -9.27
CA GLU B 497 -22.51 10.20 -7.96
C GLU B 497 -21.82 9.18 -7.04
N ASP B 498 -22.25 7.91 -7.09
CA ASP B 498 -21.66 6.81 -6.33
C ASP B 498 -20.23 6.56 -6.79
N PHE B 499 -19.91 6.89 -8.05
CA PHE B 499 -18.55 6.77 -8.54
C PHE B 499 -17.68 7.98 -8.01
N TYR B 500 -18.21 9.22 -8.04
CA TYR B 500 -17.49 10.43 -7.56
C TYR B 500 -17.17 10.39 -6.04
N ALA B 501 -18.01 9.71 -5.24
CA ALA B 501 -17.84 9.49 -3.80
C ALA B 501 -16.49 8.78 -3.50
N ARG B 502 -16.12 7.81 -4.37
CA ARG B 502 -14.88 7.02 -4.32
C ARG B 502 -13.63 7.81 -4.74
N PHE B 503 -13.80 9.03 -5.27
CA PHE B 503 -12.73 9.94 -5.72
C PHE B 503 -12.43 10.97 -4.61
N ALA B 504 -11.22 10.90 -4.07
CA ALA B 504 -10.72 11.77 -3.02
C ALA B 504 -9.93 12.96 -3.61
N THR B 505 -10.03 14.11 -2.94
CA THR B 505 -9.38 15.37 -3.29
C THR B 505 -8.71 15.83 -1.97
N GLY B 506 -7.66 16.62 -1.93
CA GLY B 506 -7.05 17.29 -3.05
C GLY B 506 -5.55 17.28 -3.19
N CYS B 507 -4.77 17.35 -2.14
CA CYS B 507 -3.33 17.37 -2.45
C CYS B 507 -2.57 16.07 -2.14
N VAL B 508 -1.42 15.86 -2.82
CA VAL B 508 -0.56 14.67 -2.63
C VAL B 508 0.64 15.16 -1.83
N SER B 509 0.69 14.64 -0.60
CA SER B 509 1.61 14.94 0.50
C SER B 509 3.08 15.25 0.13
N ILE B 510 3.86 14.26 -0.32
CA ILE B 510 5.26 14.45 -0.66
C ILE B 510 5.37 15.47 -1.81
N PRO B 511 4.71 15.30 -2.99
CA PRO B 511 4.81 16.34 -4.04
C PRO B 511 4.47 17.74 -3.55
N TRP B 512 3.46 17.85 -2.66
CA TRP B 512 3.05 19.14 -2.10
C TRP B 512 4.15 19.78 -1.23
N GLN B 513 4.77 18.98 -0.36
CA GLN B 513 5.84 19.45 0.54
C GLN B 513 7.08 19.86 -0.23
N ASN B 514 7.33 19.20 -1.38
CA ASN B 514 8.42 19.52 -2.30
C ASN B 514 8.14 20.82 -3.01
N GLU B 515 6.88 21.05 -3.43
CA GLU B 515 6.47 22.30 -4.08
C GLU B 515 6.72 23.46 -3.10
N MET B 516 6.29 23.29 -1.82
CA MET B 516 6.49 24.27 -0.73
C MET B 516 7.97 24.63 -0.51
N ILE B 517 8.85 23.61 -0.56
CA ILE B 517 10.29 23.83 -0.41
C ILE B 517 10.89 24.49 -1.69
N GLU B 518 10.73 23.84 -2.87
CA GLU B 518 11.25 24.27 -4.17
C GLU B 518 10.85 25.69 -4.56
N SER B 519 9.58 26.09 -4.27
CA SER B 519 9.03 27.42 -4.61
C SER B 519 9.55 28.59 -3.74
N GLY B 520 10.26 28.26 -2.65
CA GLY B 520 10.78 29.22 -1.69
C GLY B 520 9.77 29.59 -0.62
N CYS B 521 8.55 29.03 -0.68
CA CYS B 521 7.51 29.35 0.28
C CYS B 521 7.80 28.82 1.67
N PHE B 522 8.49 27.66 1.76
CA PHE B 522 8.85 27.09 3.04
C PHE B 522 9.89 28.00 3.69
N LYS B 523 10.91 28.44 2.94
CA LYS B 523 11.97 29.34 3.42
C LYS B 523 11.36 30.69 3.89
N ASP B 524 10.57 31.35 3.03
CA ASP B 524 9.94 32.65 3.29
C ASP B 524 8.82 32.66 4.34
N ILE B 525 8.43 31.49 4.87
CA ILE B 525 7.41 31.37 5.92
C ILE B 525 8.11 30.88 7.19
N ASN B 526 8.96 29.84 7.06
CA ASN B 526 9.75 29.24 8.13
C ASN B 526 10.76 30.25 8.71
N LYS B 527 11.61 30.87 7.83
CA LYS B 527 12.66 31.88 8.09
C LYS B 527 13.54 31.57 9.33
#